data_7XLO
#
_entry.id   7XLO
#
_cell.length_a   97.650
_cell.length_b   97.650
_cell.length_c   168.220
_cell.angle_alpha   90.00
_cell.angle_beta   90.00
_cell.angle_gamma   90.00
#
_symmetry.space_group_name_H-M   'I 4'
#
loop_
_entity.id
_entity.type
_entity.pdbx_description
1 polymer "Inosine-5'-monophosphate dehydrogenase"
2 water water
#
_entity_poly.entity_id   1
_entity_poly.type   'polypeptide(L)'
_entity_poly.pdbx_seq_one_letter_code
;MFLKKLIEAKKAYTFDDVLLVPNASWVEPKDTDVSTDLAGLKLNIPIVSAAMDTVTEKEMAIALARLGGLGVIHRNMSIE
EQVHQVQAVKKADEVVIGSGGYPQAARDKKGRLLVAAACGPHDFERAKALIEAEVDAIAIDCAHAHNMRVVENVKKFKEM
LEGTDIKLIVGNIATKEAAEDLIKAGADVLKVGIGPGSICTTRVVAGVGVPQLTAVAEVADVAKEHNVPIIADGGIRYSG
DIAKAIAAGADAVMLGSLLAGTDEAPGQLMVINGRKYKQYRGMGSLGAMTGGVGAGADRYFQAPAKSHMKHVKLVPEGVE
GAVPYKGPVSEVVFQLIGGLRASMGYCGAKNLKEMQEKARFVIITPSGQVESHPHDIIITNEAPNYPLGKLEHHHHHH
;
_entity_poly.pdbx_strand_id   A,B
#
# COMPACT_ATOMS: atom_id res chain seq x y z
N MET A 1 25.14 29.00 1.23
CA MET A 1 24.47 28.45 2.47
C MET A 1 23.12 29.14 2.67
N PHE A 2 23.13 30.46 2.84
CA PHE A 2 21.94 31.24 3.22
C PHE A 2 21.20 31.69 1.96
N LEU A 3 21.93 32.28 1.03
CA LEU A 3 21.31 32.68 -0.26
C LEU A 3 20.83 31.45 -1.03
N LYS A 4 21.51 30.32 -0.87
CA LYS A 4 21.13 29.02 -1.50
C LYS A 4 19.75 28.60 -1.02
N LYS A 5 19.43 28.81 0.26
CA LYS A 5 18.08 28.53 0.79
C LYS A 5 17.04 29.29 -0.03
N LEU A 6 17.29 30.57 -0.35
CA LEU A 6 16.29 31.44 -1.03
C LEU A 6 16.31 31.22 -2.54
N ILE A 7 17.50 31.19 -3.15
CA ILE A 7 17.68 30.93 -4.61
C ILE A 7 16.95 29.63 -4.96
N GLU A 8 17.08 28.60 -4.11
CA GLU A 8 16.66 27.22 -4.45
C GLU A 8 15.40 26.80 -3.68
N ALA A 9 14.85 27.64 -2.79
CA ALA A 9 13.58 27.32 -2.10
C ALA A 9 12.51 27.09 -3.15
N LYS A 10 11.81 25.97 -3.04
CA LYS A 10 10.72 25.66 -4.00
C LYS A 10 9.47 26.46 -3.59
N LYS A 11 8.49 26.49 -4.49
CA LYS A 11 7.24 27.27 -4.34
C LYS A 11 6.12 26.31 -3.89
N ALA A 12 5.38 26.62 -2.83
CA ALA A 12 4.29 25.75 -2.35
C ALA A 12 2.90 26.40 -2.53
N TYR A 13 1.89 25.54 -2.63
CA TYR A 13 0.52 25.91 -3.06
C TYR A 13 -0.52 25.61 -2.00
N THR A 14 -1.51 26.50 -1.89
CA THR A 14 -2.69 26.29 -1.01
C THR A 14 -3.91 26.11 -1.91
N PHE A 15 -5.10 26.27 -1.36
CA PHE A 15 -6.35 26.02 -2.13
C PHE A 15 -6.56 27.16 -3.13
N ASP A 16 -6.46 28.40 -2.66
CA ASP A 16 -6.73 29.61 -3.48
C ASP A 16 -5.66 29.82 -4.55
N ASP A 17 -4.66 28.93 -4.65
CA ASP A 17 -3.65 29.00 -5.74
C ASP A 17 -4.12 28.24 -6.98
N VAL A 18 -4.97 27.23 -6.81
CA VAL A 18 -5.30 26.31 -7.92
C VAL A 18 -6.80 26.31 -8.19
N LEU A 19 -7.13 25.74 -9.36
CA LEU A 19 -8.48 25.34 -9.83
C LEU A 19 -8.41 23.98 -10.49
N LEU A 20 -9.48 23.23 -10.35
CA LEU A 20 -9.53 21.97 -11.02
C LEU A 20 -10.04 22.14 -12.44
N VAL A 21 -9.31 21.59 -13.40
CA VAL A 21 -9.73 21.61 -14.82
C VAL A 21 -10.66 20.47 -15.19
N PRO A 22 -11.82 20.79 -15.78
CA PRO A 22 -12.80 19.75 -16.06
C PRO A 22 -12.41 18.88 -17.26
N ASN A 23 -12.59 17.58 -17.07
CA ASN A 23 -12.29 16.51 -18.04
C ASN A 23 -13.60 16.09 -18.69
N ALA A 24 -13.52 15.19 -19.67
CA ALA A 24 -14.67 14.46 -20.22
C ALA A 24 -15.24 13.59 -19.10
N SER A 25 -16.57 13.47 -19.01
CA SER A 25 -17.25 12.83 -17.86
C SER A 25 -18.38 11.90 -18.30
N TRP A 26 -18.33 10.68 -17.79
CA TRP A 26 -19.43 9.70 -17.91
C TRP A 26 -20.30 9.72 -16.65
N VAL A 27 -19.97 10.63 -15.73
CA VAL A 27 -20.59 10.67 -14.43
C VAL A 27 -21.39 11.90 -14.02
N GLU A 28 -22.51 11.66 -13.36
CA GLU A 28 -23.33 12.73 -12.84
C GLU A 28 -23.24 12.64 -11.35
N PRO A 29 -23.57 13.72 -10.63
CA PRO A 29 -23.30 13.79 -9.20
C PRO A 29 -24.13 12.76 -8.45
N LYS A 30 -25.40 12.62 -8.81
CA LYS A 30 -26.27 11.52 -8.31
C LYS A 30 -25.51 10.17 -8.37
N ASP A 31 -24.70 9.92 -9.40
CA ASP A 31 -24.05 8.60 -9.59
C ASP A 31 -22.75 8.45 -8.78
N THR A 32 -22.30 9.48 -8.05
CA THR A 32 -20.97 9.48 -7.39
C THR A 32 -20.94 8.53 -6.19
N ASP A 33 -19.71 8.14 -5.83
CA ASP A 33 -19.36 7.37 -4.61
C ASP A 33 -18.25 8.13 -3.86
N VAL A 34 -18.60 8.75 -2.74
CA VAL A 34 -17.64 9.55 -1.94
C VAL A 34 -17.14 8.72 -0.77
N SER A 35 -17.35 7.41 -0.77
CA SER A 35 -16.88 6.57 0.35
C SER A 35 -15.36 6.65 0.34
N THR A 36 -14.75 6.40 1.50
CA THR A 36 -13.30 6.30 1.66
C THR A 36 -13.03 5.31 2.77
N ASP A 37 -11.91 4.61 2.66
CA ASP A 37 -11.57 3.48 3.53
C ASP A 37 -10.27 3.77 4.27
N LEU A 38 -10.38 4.36 5.46
CA LEU A 38 -9.18 4.79 6.23
C LEU A 38 -8.66 3.56 6.97
N ALA A 39 -7.93 2.69 6.26
CA ALA A 39 -7.20 1.55 6.83
C ALA A 39 -8.20 0.55 7.43
N GLY A 40 -9.19 0.15 6.66
CA GLY A 40 -10.27 -0.74 7.15
C GLY A 40 -11.49 0.01 7.68
N LEU A 41 -11.31 1.22 8.21
CA LEU A 41 -12.45 2.02 8.65
C LEU A 41 -13.16 2.41 7.38
N LYS A 42 -14.46 2.15 7.28
CA LYS A 42 -15.12 2.41 6.00
C LYS A 42 -16.08 3.56 6.20
N LEU A 43 -15.67 4.74 5.75
CA LEU A 43 -16.51 5.97 5.78
C LEU A 43 -17.31 6.00 4.48
N ASN A 44 -18.52 6.57 4.52
CA ASN A 44 -19.43 6.73 3.35
C ASN A 44 -19.49 8.20 2.90
N ILE A 45 -18.80 9.07 3.63
CA ILE A 45 -18.44 10.45 3.19
C ILE A 45 -17.04 10.72 3.73
N PRO A 46 -16.17 11.49 3.02
CA PRO A 46 -14.78 11.64 3.42
C PRO A 46 -14.53 12.77 4.42
N ILE A 47 -15.31 12.81 5.52
CA ILE A 47 -15.28 13.93 6.51
C ILE A 47 -14.94 13.40 7.90
N VAL A 48 -14.06 14.11 8.62
CA VAL A 48 -13.53 13.71 9.96
C VAL A 48 -13.64 14.93 10.87
N SER A 49 -14.30 14.81 12.02
CA SER A 49 -14.40 15.87 13.06
C SER A 49 -13.03 16.28 13.58
N ALA A 50 -12.75 17.58 13.71
CA ALA A 50 -11.50 17.99 14.31
C ALA A 50 -11.62 17.85 15.82
N ALA A 51 -10.72 17.09 16.44
CA ALA A 51 -10.80 16.86 17.87
C ALA A 51 -10.51 18.12 18.67
N MET A 52 -11.49 19.01 18.76
CA MET A 52 -11.31 20.23 19.55
C MET A 52 -12.44 20.36 20.55
N ASP A 53 -12.13 20.86 21.74
CA ASP A 53 -13.19 20.95 22.78
C ASP A 53 -14.32 21.90 22.38
N THR A 54 -14.15 22.61 21.26
CA THR A 54 -15.22 23.46 20.64
C THR A 54 -15.93 22.72 19.49
N VAL A 55 -15.42 21.57 19.04
CA VAL A 55 -15.92 20.89 17.79
C VAL A 55 -16.49 19.49 18.08
N THR A 56 -15.81 18.62 18.82
CA THR A 56 -16.19 17.18 18.85
C THR A 56 -16.20 16.57 20.28
N GLU A 57 -17.40 16.43 20.83
CA GLU A 57 -17.73 15.52 21.94
C GLU A 57 -18.85 14.60 21.41
N LYS A 58 -19.57 13.89 22.27
CA LYS A 58 -20.48 12.77 21.88
C LYS A 58 -21.51 13.19 20.81
N GLU A 59 -22.15 14.36 20.91
CA GLU A 59 -23.28 14.72 20.01
C GLU A 59 -22.77 14.73 18.57
N MET A 60 -21.62 15.37 18.34
CA MET A 60 -20.98 15.44 17.00
C MET A 60 -20.66 14.04 16.48
N ALA A 61 -19.90 13.28 17.26
CA ALA A 61 -19.39 11.94 16.89
C ALA A 61 -20.55 11.05 16.44
N ILE A 62 -21.69 11.10 17.15
CA ILE A 62 -22.91 10.33 16.81
C ILE A 62 -23.46 10.85 15.48
N ALA A 63 -23.81 12.13 15.43
CA ALA A 63 -24.37 12.78 14.23
C ALA A 63 -23.48 12.52 13.02
N LEU A 64 -22.16 12.73 13.13
CA LEU A 64 -21.24 12.60 11.95
C LEU A 64 -21.01 11.15 11.56
N ALA A 65 -20.82 10.24 12.53
CA ALA A 65 -20.71 8.79 12.25
C ALA A 65 -21.97 8.33 11.52
N ARG A 66 -23.13 8.82 11.98
CA ARG A 66 -24.44 8.52 11.35
C ARG A 66 -24.42 8.94 9.89
N LEU A 67 -23.72 10.03 9.60
CA LEU A 67 -23.70 10.62 8.25
C LEU A 67 -22.72 9.87 7.34
N GLY A 68 -21.89 8.98 7.89
CA GLY A 68 -20.83 8.27 7.16
C GLY A 68 -19.45 8.80 7.49
N GLY A 69 -19.40 9.78 8.40
CA GLY A 69 -18.17 10.51 8.77
C GLY A 69 -17.67 10.00 10.09
N LEU A 70 -16.60 10.58 10.62
CA LEU A 70 -15.87 10.03 11.78
C LEU A 70 -15.50 11.10 12.81
N GLY A 71 -16.05 10.97 14.01
CA GLY A 71 -15.72 11.84 15.17
C GLY A 71 -14.41 11.46 15.84
N VAL A 72 -13.49 12.40 15.98
CA VAL A 72 -12.33 12.25 16.90
C VAL A 72 -12.66 12.99 18.20
N ILE A 73 -12.98 12.23 19.26
CA ILE A 73 -13.37 12.76 20.60
C ILE A 73 -12.09 13.30 21.22
N HIS A 74 -12.13 14.58 21.62
CA HIS A 74 -10.93 15.37 21.97
C HIS A 74 -10.35 14.95 23.32
N ARG A 75 -9.15 15.42 23.61
CA ARG A 75 -8.35 14.90 24.74
C ARG A 75 -8.08 16.00 25.75
N ASN A 76 -8.78 17.12 25.60
CA ASN A 76 -8.82 18.16 26.65
C ASN A 76 -9.86 17.75 27.68
N MET A 77 -9.71 16.56 28.27
CA MET A 77 -10.65 16.04 29.29
C MET A 77 -10.04 14.84 30.00
N SER A 78 -10.64 14.46 31.14
CA SER A 78 -10.26 13.28 31.96
C SER A 78 -10.53 11.98 31.20
N ILE A 79 -9.80 10.92 31.57
CA ILE A 79 -9.90 9.59 30.89
C ILE A 79 -11.27 9.01 31.24
N GLU A 80 -11.59 8.96 32.52
CA GLU A 80 -12.93 8.59 33.00
C GLU A 80 -13.97 9.19 32.02
N GLU A 81 -13.83 10.48 31.72
CA GLU A 81 -14.81 11.22 30.88
C GLU A 81 -14.63 10.85 29.41
N GLN A 82 -13.39 10.73 28.92
CA GLN A 82 -13.18 10.40 27.49
C GLN A 82 -13.81 9.03 27.22
N VAL A 83 -13.38 8.03 27.97
CA VAL A 83 -13.90 6.64 27.85
C VAL A 83 -15.44 6.67 27.87
N HIS A 84 -16.07 7.40 28.80
CA HIS A 84 -17.55 7.56 28.86
C HIS A 84 -18.10 8.02 27.51
N GLN A 85 -17.43 8.99 26.90
CA GLN A 85 -17.85 9.62 25.63
C GLN A 85 -17.64 8.65 24.47
N VAL A 86 -16.61 7.81 24.54
CA VAL A 86 -16.39 6.75 23.50
C VAL A 86 -17.61 5.84 23.53
N GLN A 87 -17.92 5.27 24.71
CA GLN A 87 -18.96 4.22 24.87
C GLN A 87 -20.37 4.81 24.71
N ALA A 88 -20.53 6.13 24.81
CA ALA A 88 -21.81 6.82 24.55
C ALA A 88 -22.18 6.67 23.07
N VAL A 89 -21.18 6.74 22.19
CA VAL A 89 -21.35 6.62 20.71
C VAL A 89 -21.65 5.16 20.40
N LYS A 90 -20.90 4.26 21.04
CA LYS A 90 -21.03 2.80 20.86
C LYS A 90 -22.41 2.38 21.35
N LYS A 91 -22.97 3.10 22.34
CA LYS A 91 -24.26 2.79 23.01
C LYS A 91 -25.44 3.63 22.46
N ALA A 92 -25.27 4.31 21.31
CA ALA A 92 -26.36 5.01 20.61
C ALA A 92 -27.02 4.06 19.61
N GLY A 101 -32.71 3.21 9.13
CA GLY A 101 -33.15 4.61 9.27
C GLY A 101 -32.04 5.63 9.08
N TYR A 102 -30.79 5.32 9.48
CA TYR A 102 -29.58 6.17 9.27
C TYR A 102 -28.74 5.51 8.19
N PRO A 103 -29.11 5.69 6.90
CA PRO A 103 -28.82 4.69 5.88
C PRO A 103 -27.34 4.58 5.53
N GLN A 104 -26.67 5.73 5.37
CA GLN A 104 -25.24 5.82 4.99
C GLN A 104 -24.43 6.03 6.27
N ALA A 105 -24.61 5.14 7.23
CA ALA A 105 -23.91 5.21 8.53
C ALA A 105 -22.58 4.49 8.39
N ALA A 106 -21.57 5.00 9.11
CA ALA A 106 -20.25 4.36 9.30
C ALA A 106 -20.28 3.54 10.60
N ARG A 107 -20.00 2.24 10.50
CA ARG A 107 -20.34 1.25 11.56
C ARG A 107 -19.24 0.21 11.68
N ASP A 108 -18.87 -0.11 12.92
CA ASP A 108 -17.89 -1.18 13.22
C ASP A 108 -18.54 -2.54 12.89
N LYS A 109 -17.74 -3.60 12.85
CA LYS A 109 -18.24 -4.95 12.50
C LYS A 109 -19.36 -5.37 13.46
N LYS A 110 -19.49 -4.73 14.62
CA LYS A 110 -20.58 -5.03 15.60
C LYS A 110 -21.81 -4.12 15.35
N GLY A 111 -21.99 -3.61 14.13
CA GLY A 111 -23.15 -2.78 13.76
C GLY A 111 -23.10 -1.36 14.32
N ARG A 112 -22.24 -1.09 15.32
CA ARG A 112 -22.27 0.14 16.15
C ARG A 112 -21.63 1.30 15.41
N LEU A 113 -22.13 2.52 15.56
CA LEU A 113 -21.47 3.67 14.95
C LEU A 113 -20.02 3.70 15.36
N LEU A 114 -19.11 3.64 14.39
CA LEU A 114 -17.70 3.67 14.70
C LEU A 114 -17.26 5.05 15.20
N VAL A 115 -16.14 5.12 15.90
CA VAL A 115 -15.65 6.39 16.43
C VAL A 115 -14.15 6.35 16.70
N ALA A 116 -13.56 7.51 17.00
CA ALA A 116 -12.11 7.57 17.25
C ALA A 116 -11.91 8.52 18.41
N ALA A 117 -10.69 8.58 18.93
CA ALA A 117 -10.35 9.43 20.08
C ALA A 117 -8.91 9.95 19.96
N ALA A 118 -8.68 11.17 20.46
CA ALA A 118 -7.34 11.78 20.51
C ALA A 118 -6.64 11.40 21.81
N CYS A 119 -5.36 11.07 21.66
CA CYS A 119 -4.42 10.67 22.72
C CYS A 119 -3.14 11.44 22.43
N GLY A 120 -2.53 12.04 23.45
CA GLY A 120 -1.21 12.68 23.33
C GLY A 120 -0.09 11.65 23.28
N PRO A 121 1.09 12.02 22.70
CA PRO A 121 2.13 11.05 22.34
C PRO A 121 2.99 10.49 23.48
N HIS A 122 2.74 10.91 24.72
CA HIS A 122 3.38 10.33 25.93
C HIS A 122 2.36 9.70 26.87
N ASP A 123 1.07 9.80 26.56
CA ASP A 123 -0.03 9.36 27.44
C ASP A 123 -0.35 7.92 27.06
N PHE A 124 0.30 6.98 27.73
CA PHE A 124 0.07 5.53 27.56
C PHE A 124 -1.20 5.08 28.31
N GLU A 125 -1.48 5.68 29.48
CA GLU A 125 -2.61 5.25 30.37
C GLU A 125 -3.94 5.47 29.65
N ARG A 126 -4.11 6.66 29.09
CA ARG A 126 -5.30 7.05 28.28
C ARG A 126 -5.47 6.11 27.09
N ALA A 127 -4.38 5.77 26.39
CA ALA A 127 -4.41 4.88 25.21
C ALA A 127 -4.91 3.49 25.63
N LYS A 128 -4.67 3.05 26.84
CA LYS A 128 -5.12 1.77 27.25
C LYS A 128 -6.60 1.80 27.45
N ALA A 129 -7.05 2.59 28.39
CA ALA A 129 -8.50 2.63 28.70
C ALA A 129 -9.30 2.81 27.43
N LEU A 130 -8.80 3.65 26.54
CA LEU A 130 -9.35 3.80 25.16
C LEU A 130 -9.58 2.40 24.56
N ILE A 131 -8.52 1.58 24.48
CA ILE A 131 -8.60 0.26 23.81
C ILE A 131 -9.72 -0.54 24.47
N GLU A 132 -9.77 -0.52 25.77
CA GLU A 132 -10.77 -1.26 26.49
C GLU A 132 -12.12 -0.61 26.30
N ALA A 133 -12.15 0.68 25.99
CA ALA A 133 -13.40 1.37 25.70
C ALA A 133 -13.84 1.07 24.28
N GLU A 134 -13.23 0.05 23.67
CA GLU A 134 -13.60 -0.33 22.31
C GLU A 134 -13.61 0.87 21.38
N VAL A 135 -12.47 1.52 21.21
CA VAL A 135 -12.41 2.63 20.28
C VAL A 135 -11.90 2.11 18.93
N ASP A 136 -12.45 2.62 17.83
CA ASP A 136 -12.08 2.07 16.50
C ASP A 136 -10.74 2.65 16.05
N ALA A 137 -10.48 3.91 16.38
CA ALA A 137 -9.21 4.57 16.05
C ALA A 137 -8.66 5.35 17.24
N ILE A 138 -7.33 5.37 17.39
CA ILE A 138 -6.59 6.28 18.29
C ILE A 138 -5.90 7.31 17.41
N ALA A 139 -6.00 8.59 17.75
CA ALA A 139 -5.29 9.68 17.03
C ALA A 139 -4.12 10.16 17.89
N ILE A 140 -2.91 9.69 17.62
CA ILE A 140 -1.72 10.28 18.30
C ILE A 140 -1.60 11.71 17.77
N ASP A 141 -1.97 12.64 18.64
CA ASP A 141 -2.46 13.97 18.24
C ASP A 141 -1.58 15.01 18.92
N CYS A 142 -0.74 15.69 18.14
CA CYS A 142 0.18 16.71 18.67
C CYS A 142 0.47 17.75 17.59
N ALA A 143 1.36 18.69 17.89
CA ALA A 143 1.64 19.83 17.00
C ALA A 143 2.71 19.45 15.99
N HIS A 144 3.66 18.61 16.41
CA HIS A 144 4.83 18.19 15.60
C HIS A 144 5.08 16.68 15.82
N ALA A 145 4.31 15.85 15.15
CA ALA A 145 4.45 14.37 15.17
C ALA A 145 5.80 13.91 14.62
N HIS A 146 6.53 14.78 13.91
CA HIS A 146 7.93 14.51 13.49
C HIS A 146 8.91 14.85 14.62
N ASN A 147 8.43 15.24 15.81
CA ASN A 147 9.25 15.13 17.04
C ASN A 147 9.68 13.66 17.20
N MET A 148 10.98 13.41 17.33
CA MET A 148 11.56 12.06 17.18
C MET A 148 11.20 11.16 18.37
N ARG A 149 10.84 11.73 19.53
CA ARG A 149 10.26 10.94 20.65
C ARG A 149 8.88 10.43 20.27
N VAL A 150 8.06 11.27 19.64
CA VAL A 150 6.69 10.89 19.18
C VAL A 150 6.82 9.66 18.27
N VAL A 151 7.69 9.74 17.28
CA VAL A 151 7.94 8.62 16.31
C VAL A 151 8.23 7.32 17.05
N GLU A 152 9.12 7.37 18.05
CA GLU A 152 9.43 6.20 18.93
C GLU A 152 8.15 5.61 19.54
N ASN A 153 7.21 6.44 19.99
CA ASN A 153 5.95 6.01 20.65
N LYS A 158 5.62 3.43 17.47
CA LYS A 158 5.90 1.98 17.54
C LYS A 158 5.15 1.38 18.71
N GLU A 159 5.29 1.97 19.89
CA GLU A 159 4.81 1.37 21.17
C GLU A 159 3.28 1.37 21.26
N MET A 160 2.62 2.36 20.70
CA MET A 160 1.18 2.34 20.64
C MET A 160 0.66 1.32 19.59
N LEU A 161 1.46 0.97 18.56
CA LEU A 161 1.07 -0.10 17.59
C LEU A 161 1.31 -1.50 18.21
N GLU A 162 2.29 -1.66 19.10
CA GLU A 162 2.41 -2.88 19.97
C GLU A 162 1.21 -2.97 20.89
N GLY A 163 0.67 -1.83 21.32
CA GLY A 163 -0.55 -1.77 22.15
C GLY A 163 -1.77 -2.31 21.43
N THR A 164 -1.76 -2.38 20.11
CA THR A 164 -2.96 -2.71 19.31
C THR A 164 -2.60 -3.82 18.30
N ILE A 166 -8.52 -0.10 17.43
CA ILE A 166 -7.63 -0.93 16.64
C ILE A 166 -6.70 -0.10 15.77
N LYS A 167 -7.20 0.87 15.06
CA LYS A 167 -6.35 1.61 14.07
C LYS A 167 -5.71 2.89 14.62
N LEU A 168 -4.46 3.15 14.21
CA LEU A 168 -3.58 4.22 14.74
C LEU A 168 -3.41 5.34 13.71
N ILE A 169 -4.05 6.48 13.96
CA ILE A 169 -3.92 7.73 13.14
C ILE A 169 -2.90 8.62 13.84
N VAL A 170 -1.93 9.15 13.09
CA VAL A 170 -0.84 10.01 13.63
C VAL A 170 -0.76 11.35 12.86
N GLY A 171 -0.48 12.40 13.61
CA GLY A 171 -0.38 13.76 13.07
C GLY A 171 -0.04 14.75 14.16
N ASN A 172 0.29 15.99 13.76
CA ASN A 172 0.23 16.40 12.37
C ASN A 172 1.66 16.45 11.80
N ILE A 173 1.78 16.26 10.49
CA ILE A 173 3.08 16.33 9.74
C ILE A 173 2.82 16.97 8.39
N ALA A 174 3.85 17.55 7.76
CA ALA A 174 3.69 18.19 6.42
C ALA A 174 4.84 17.89 5.46
N THR A 175 5.68 16.91 5.75
CA THR A 175 6.90 16.62 4.93
C THR A 175 6.96 15.18 4.44
N LYS A 176 7.60 15.01 3.29
CA LYS A 176 8.04 13.70 2.73
C LYS A 176 8.68 12.89 3.86
N GLU A 177 9.67 13.48 4.52
CA GLU A 177 10.54 12.83 5.52
C GLU A 177 9.74 12.41 6.75
N ALA A 178 8.84 13.27 7.24
CA ALA A 178 7.98 12.95 8.40
C ALA A 178 7.17 11.69 8.12
N ALA A 179 6.64 11.53 6.90
CA ALA A 179 5.79 10.38 6.48
C ALA A 179 6.59 9.07 6.45
N GLU A 180 7.81 9.12 5.89
CA GLU A 180 8.77 7.98 5.92
C GLU A 180 8.86 7.48 7.39
N ASP A 181 9.18 8.36 8.33
CA ASP A 181 9.50 7.98 9.74
C ASP A 181 8.29 7.38 10.47
N LEU A 182 7.08 7.84 10.18
CA LEU A 182 5.83 7.19 10.67
C LEU A 182 5.45 6.07 9.69
N ILE A 183 6.02 4.89 9.85
CA ILE A 183 5.74 3.76 9.02
C ILE A 183 4.75 2.88 9.75
N LYS A 184 4.70 3.00 11.08
CA LYS A 184 3.81 2.19 11.92
N ASP A 188 -0.98 3.69 10.96
CA ASP A 188 -1.92 3.12 9.96
C ASP A 188 -2.54 4.22 9.09
N VAL A 189 -2.81 5.38 9.68
CA VAL A 189 -3.31 6.56 8.93
C VAL A 189 -2.44 7.76 9.32
N LEU A 190 -2.26 8.70 8.39
CA LEU A 190 -1.46 9.93 8.60
C LEU A 190 -2.45 11.08 8.53
N LYS A 191 -2.24 12.12 9.30
CA LYS A 191 -2.93 13.39 8.99
C LYS A 191 -1.91 14.53 8.76
N VAL A 192 -2.26 15.44 7.85
CA VAL A 192 -1.36 16.55 7.55
C VAL A 192 -1.95 17.88 7.98
N GLY A 193 -1.21 18.66 8.75
CA GLY A 193 -1.69 19.97 9.15
C GLY A 193 -0.71 20.80 9.97
N ILE A 194 0.24 21.43 9.31
CA ILE A 194 1.21 22.28 10.01
C ILE A 194 1.05 23.71 9.50
N GLY A 195 0.16 24.48 10.12
CA GLY A 195 -0.10 25.83 9.62
C GLY A 195 -1.55 26.08 9.18
N PRO A 196 -2.12 25.19 8.33
CA PRO A 196 -3.48 25.39 7.83
C PRO A 196 -4.60 25.88 8.75
N GLY A 197 -4.56 25.66 10.04
CA GLY A 197 -5.73 26.04 10.86
C GLY A 197 -6.16 27.48 10.70
N SER A 198 -7.46 27.69 10.55
CA SER A 198 -8.09 29.03 10.53
C SER A 198 -7.70 29.84 11.79
N ILE A 199 -7.91 29.23 12.97
CA ILE A 199 -7.55 29.82 14.29
C ILE A 199 -6.15 29.39 14.73
N CYS A 200 -5.48 28.48 14.00
CA CYS A 200 -4.03 28.15 14.18
C CYS A 200 -3.23 29.42 13.84
N THR A 201 -2.13 29.62 14.57
CA THR A 201 -1.23 30.79 14.42
C THR A 201 0.22 30.34 14.36
N THR A 202 0.46 29.09 13.95
CA THR A 202 1.83 28.51 13.87
C THR A 202 2.76 29.36 12.99
N ARG A 203 2.29 29.83 11.84
CA ARG A 203 3.13 30.62 10.89
C ARG A 203 3.55 31.96 11.49
N VAL A 204 2.59 32.68 12.06
CA VAL A 204 2.81 33.97 12.78
C VAL A 204 3.83 33.73 13.89
N VAL A 205 3.54 32.72 14.70
CA VAL A 205 4.09 32.52 16.05
C VAL A 205 5.48 31.89 15.96
N ALA A 206 5.67 30.91 15.06
CA ALA A 206 6.95 30.20 14.92
C ALA A 206 7.48 30.23 13.47
N GLY A 207 6.92 31.09 12.61
CA GLY A 207 7.37 31.24 11.22
C GLY A 207 7.22 29.98 10.40
N VAL A 208 6.51 28.96 10.89
CA VAL A 208 6.61 27.59 10.31
C VAL A 208 5.32 27.18 9.63
N GLY A 209 5.44 26.47 8.51
CA GLY A 209 4.29 25.95 7.75
C GLY A 209 4.65 25.41 6.37
N VAL A 210 3.70 24.70 5.77
CA VAL A 210 3.69 24.29 4.34
C VAL A 210 2.27 24.47 3.82
N PRO A 211 2.09 25.26 2.76
CA PRO A 211 0.81 25.31 2.07
C PRO A 211 0.23 23.91 1.85
N GLN A 212 -1.06 23.76 2.11
CA GLN A 212 -1.68 22.45 2.38
C GLN A 212 -1.78 21.58 1.12
N LEU A 213 -1.67 22.08 -0.09
CA LEU A 213 -1.76 21.21 -1.23
C LEU A 213 -0.42 20.52 -1.38
N THR A 214 0.63 21.29 -1.49
CA THR A 214 1.95 20.77 -1.52
C THR A 214 2.18 19.81 -0.34
N ALA A 215 1.69 20.16 0.84
CA ALA A 215 1.90 19.30 2.03
C ALA A 215 1.29 17.90 1.80
N VAL A 216 0.01 17.89 1.40
CA VAL A 216 -0.77 16.66 1.16
C VAL A 216 -0.17 15.95 -0.04
N ALA A 217 0.09 16.65 -1.13
CA ALA A 217 0.72 16.04 -2.31
C ALA A 217 1.95 15.27 -1.83
N GLU A 218 2.93 15.96 -1.25
CA GLU A 218 4.24 15.35 -0.93
C GLU A 218 4.07 14.17 -0.01
N VAL A 219 3.24 14.35 1.02
CA VAL A 219 3.05 13.32 2.06
C VAL A 219 2.40 12.10 1.42
N ALA A 220 1.53 12.30 0.42
CA ALA A 220 0.76 11.21 -0.19
C ALA A 220 1.62 10.41 -1.19
N ASP A 221 2.62 11.01 -1.83
CA ASP A 221 3.53 10.28 -2.75
C ASP A 221 4.37 9.24 -1.99
N VAL A 222 4.64 9.50 -0.71
CA VAL A 222 5.23 8.50 0.22
C VAL A 222 4.12 7.50 0.56
N ALA A 223 3.02 7.99 1.15
CA ALA A 223 1.98 7.19 1.83
C ALA A 223 1.27 6.26 0.84
N LYS A 224 0.99 6.69 -0.38
CA LYS A 224 0.40 5.83 -1.40
C LYS A 224 1.16 4.57 -1.68
N GLU A 225 2.47 4.65 -1.63
CA GLU A 225 3.35 3.50 -1.95
C GLU A 225 3.24 2.40 -0.88
N HIS A 226 2.65 2.69 0.29
CA HIS A 226 2.40 1.70 1.37
C HIS A 226 0.90 1.55 1.65
N ASN A 227 0.06 2.08 0.75
CA ASN A 227 -1.42 2.13 0.92
C ASN A 227 -1.71 2.65 2.33
N VAL A 228 -1.15 3.80 2.65
CA VAL A 228 -1.39 4.53 3.92
C VAL A 228 -2.29 5.71 3.59
N PRO A 229 -3.51 5.74 4.16
CA PRO A 229 -4.42 6.87 4.05
C PRO A 229 -3.91 8.22 4.58
N ILE A 230 -4.26 9.28 3.85
CA ILE A 230 -4.06 10.68 4.29
C ILE A 230 -5.41 11.25 4.72
N ILE A 231 -5.47 11.79 5.94
CA ILE A 231 -6.49 12.80 6.38
C ILE A 231 -5.84 14.19 6.26
N ALA A 232 -6.53 15.15 5.67
CA ALA A 232 -5.92 16.47 5.38
C ALA A 232 -6.53 17.53 6.29
N ASP A 233 -5.72 18.00 7.26
CA ASP A 233 -6.20 18.68 8.48
C ASP A 233 -5.98 20.19 8.40
N GLY A 234 -7.08 20.95 8.45
CA GLY A 234 -7.07 22.42 8.52
C GLY A 234 -7.20 23.09 7.15
N GLY A 235 -7.70 24.32 7.15
CA GLY A 235 -7.71 25.23 5.99
C GLY A 235 -8.83 24.98 5.00
N ILE A 236 -9.71 24.01 5.29
CA ILE A 236 -10.90 23.73 4.45
C ILE A 236 -11.94 24.81 4.75
N ARG A 237 -12.08 25.80 3.86
CA ARG A 237 -13.06 26.91 3.99
C ARG A 237 -14.29 26.65 3.09
N TYR A 238 -14.15 25.85 2.01
CA TYR A 238 -15.26 25.56 1.08
C TYR A 238 -15.24 24.13 0.55
N SER A 239 -16.39 23.72 0.05
CA SER A 239 -16.61 22.40 -0.58
C SER A 239 -15.56 22.19 -1.66
N GLY A 240 -15.30 23.23 -2.45
CA GLY A 240 -14.29 23.22 -3.53
C GLY A 240 -12.91 22.84 -3.01
N ASP A 241 -12.54 23.32 -1.81
CA ASP A 241 -11.22 23.03 -1.18
C ASP A 241 -11.12 21.52 -0.89
N ILE A 242 -12.24 20.90 -0.51
CA ILE A 242 -12.33 19.45 -0.26
C ILE A 242 -11.98 18.69 -1.54
N ALA A 243 -12.59 19.07 -2.67
CA ALA A 243 -12.33 18.48 -4.00
C ALA A 243 -10.84 18.66 -4.41
N LYS A 244 -10.25 19.79 -4.04
CA LYS A 244 -8.81 20.03 -4.27
C LYS A 244 -8.01 19.13 -3.31
N ALA A 245 -8.40 19.11 -2.03
CA ALA A 245 -7.69 18.32 -1.00
C ALA A 245 -7.49 16.89 -1.52
N ILE A 246 -8.59 16.30 -2.04
CA ILE A 246 -8.58 14.88 -2.53
C ILE A 246 -7.80 14.75 -3.84
N ALA A 247 -7.86 15.75 -4.73
CA ALA A 247 -7.21 15.66 -6.05
C ALA A 247 -5.69 15.65 -5.87
N ALA A 248 -5.22 16.21 -4.75
CA ALA A 248 -3.79 16.27 -4.33
C ALA A 248 -3.38 15.11 -3.40
N GLY A 249 -4.26 14.14 -3.12
CA GLY A 249 -3.87 12.90 -2.44
C GLY A 249 -4.51 12.68 -1.07
N ALA A 250 -5.36 13.58 -0.61
CA ALA A 250 -6.12 13.37 0.63
C ALA A 250 -7.02 12.15 0.43
N ASP A 251 -7.37 11.45 1.50
CA ASP A 251 -8.41 10.40 1.46
C ASP A 251 -9.63 10.85 2.26
N ALA A 252 -9.45 11.87 3.08
CA ALA A 252 -10.55 12.54 3.79
C ALA A 252 -10.08 13.90 4.23
N VAL A 253 -11.03 14.72 4.64
CA VAL A 253 -10.72 16.08 5.15
C VAL A 253 -11.05 16.05 6.63
N MET A 254 -10.33 16.81 7.42
CA MET A 254 -10.66 16.94 8.79
C MET A 254 -11.21 18.31 8.98
N LEU A 255 -12.53 18.37 9.19
CA LEU A 255 -13.20 19.63 9.35
C LEU A 255 -13.41 19.98 10.80
N GLY A 256 -13.39 21.27 11.10
CA GLY A 256 -13.57 21.75 12.46
C GLY A 256 -14.37 23.03 12.52
N SER A 257 -13.81 24.12 11.99
CA SER A 257 -14.51 25.43 12.05
C SER A 257 -15.83 25.35 11.28
N LEU A 258 -15.79 24.81 10.06
CA LEU A 258 -17.01 24.68 9.22
C LEU A 258 -18.08 23.88 9.96
N LEU A 259 -17.67 23.14 10.99
CA LEU A 259 -18.57 22.30 11.82
C LEU A 259 -18.78 22.93 13.20
N ALA A 260 -17.95 23.90 13.57
CA ALA A 260 -18.21 24.77 14.74
C ALA A 260 -19.47 25.57 14.50
N GLY A 261 -20.10 26.04 15.57
CA GLY A 261 -21.29 26.87 15.44
C GLY A 261 -22.54 26.05 15.18
N THR A 262 -22.41 24.82 14.68
CA THR A 262 -23.59 23.92 14.55
C THR A 262 -24.11 23.58 15.94
N ASP A 263 -25.30 23.00 15.99
CA ASP A 263 -25.99 22.58 17.24
C ASP A 263 -25.18 21.54 18.00
N GLU A 264 -24.61 20.58 17.28
CA GLU A 264 -23.96 19.40 17.88
C GLU A 264 -22.55 19.77 18.37
N ALA A 265 -22.00 20.89 17.89
CA ALA A 265 -20.70 21.42 18.36
C ALA A 265 -20.82 21.74 19.85
N PRO A 266 -19.90 21.23 20.70
CA PRO A 266 -19.97 21.49 22.14
C PRO A 266 -19.54 22.91 22.57
N GLY A 267 -19.32 23.81 21.61
CA GLY A 267 -19.05 25.23 21.87
C GLY A 267 -20.24 26.01 22.38
N GLN A 268 -19.95 27.12 23.06
CA GLN A 268 -20.66 27.87 24.11
C GLN A 268 -21.56 28.87 23.40
N LEU A 269 -22.86 28.95 23.72
CA LEU A 269 -23.74 29.98 23.09
C LEU A 269 -23.20 31.38 23.38
N MET A 270 -23.09 32.21 22.33
CA MET A 270 -22.62 33.61 22.39
C MET A 270 -23.53 34.52 21.57
N VAL A 271 -23.40 35.82 21.82
CA VAL A 271 -24.19 36.88 21.15
C VAL A 271 -23.27 38.07 20.95
N ILE A 272 -23.34 38.72 19.79
CA ILE A 272 -22.69 40.05 19.53
C ILE A 272 -23.48 40.72 18.41
N ASN A 273 -23.99 41.94 18.65
CA ASN A 273 -24.93 42.66 17.74
C ASN A 273 -26.21 41.84 17.55
N GLY A 274 -26.65 41.14 18.60
CA GLY A 274 -27.93 40.42 18.63
C GLY A 274 -27.91 39.03 17.98
N ARG A 275 -26.88 38.67 17.21
CA ARG A 275 -26.86 37.43 16.39
C ARG A 275 -26.21 36.29 17.18
N LYS A 276 -26.67 35.07 16.94
CA LYS A 276 -26.17 33.90 17.67
C LYS A 276 -24.83 33.49 17.10
N TYR A 277 -24.02 32.95 18.02
CA TYR A 277 -22.64 32.49 17.80
C TYR A 277 -22.40 31.32 18.74
N LYS A 278 -21.32 30.62 18.48
CA LYS A 278 -20.72 29.67 19.45
C LYS A 278 -19.21 29.85 19.34
N GLN A 279 -18.50 29.74 20.45
CA GLN A 279 -17.04 29.92 20.41
C GLN A 279 -16.39 28.80 19.62
N TYR A 280 -15.17 29.10 19.24
CA TYR A 280 -14.26 28.22 18.50
C TYR A 280 -12.88 28.67 18.95
N ARG A 281 -12.05 27.75 19.41
CA ARG A 281 -10.69 28.13 19.82
C ARG A 281 -9.70 26.98 19.66
N GLY A 282 -8.43 27.35 19.84
CA GLY A 282 -7.28 26.45 19.72
C GLY A 282 -7.09 25.54 20.92
N MET A 283 -6.32 24.46 20.71
CA MET A 283 -6.03 23.43 21.73
C MET A 283 -5.00 23.85 22.80
N GLY A 284 -3.76 24.15 22.40
CA GLY A 284 -2.71 24.71 23.28
C GLY A 284 -2.99 26.17 23.66
N VAL A 315 4.22 29.47 24.55
CA VAL A 315 3.26 30.41 23.90
C VAL A 315 2.19 29.63 23.14
N PRO A 316 0.95 30.17 23.07
CA PRO A 316 -0.13 29.47 22.36
C PRO A 316 0.19 29.40 20.86
N GLU A 317 -0.42 28.43 20.18
CA GLU A 317 -0.43 28.34 18.70
C GLU A 317 -1.88 28.18 18.26
N GLY A 318 -2.77 29.02 18.81
CA GLY A 318 -4.23 28.96 18.54
C GLY A 318 -5.00 30.02 19.29
N VAL A 319 -5.85 30.78 18.59
CA VAL A 319 -6.58 31.95 19.14
C VAL A 319 -7.95 31.52 19.67
N GLU A 320 -8.53 32.37 20.50
CA GLU A 320 -9.94 32.28 20.93
C GLU A 320 -10.80 33.13 20.02
N GLY A 321 -11.98 32.60 19.63
CA GLY A 321 -12.89 33.31 18.72
C GLY A 321 -14.31 32.78 18.81
N ALA A 322 -15.20 33.33 17.98
CA ALA A 322 -16.57 32.85 17.77
C ALA A 322 -16.91 32.84 16.28
N VAL A 323 -17.92 32.05 15.94
CA VAL A 323 -18.42 31.80 14.55
C VAL A 323 -19.94 31.74 14.57
N PRO A 324 -20.61 32.06 13.45
CA PRO A 324 -22.06 32.06 13.42
C PRO A 324 -22.65 30.68 13.77
N TYR A 325 -23.71 30.71 14.56
CA TYR A 325 -24.63 29.58 14.80
C TYR A 325 -25.15 29.09 13.43
N LYS A 326 -25.07 27.78 13.18
CA LYS A 326 -25.39 27.20 11.85
C LYS A 326 -26.59 26.28 11.92
N GLY A 327 -27.06 25.92 13.11
CA GLY A 327 -28.11 24.89 13.22
C GLY A 327 -27.53 23.50 12.99
N PRO A 328 -28.31 22.51 12.51
CA PRO A 328 -27.86 21.11 12.61
C PRO A 328 -26.72 20.77 11.64
N VAL A 329 -25.68 20.07 12.09
CA VAL A 329 -24.54 19.79 11.23
C VAL A 329 -24.97 19.21 9.88
N SER A 330 -25.88 18.23 9.91
CA SER A 330 -26.33 17.58 8.68
C SER A 330 -26.23 18.46 7.44
N GLU A 331 -26.96 19.55 7.44
CA GLU A 331 -26.94 20.45 6.31
C GLU A 331 -25.57 20.81 5.94
N VAL A 332 -24.90 21.46 6.86
CA VAL A 332 -23.48 21.85 6.60
C VAL A 332 -22.70 20.77 5.84
N VAL A 333 -22.91 19.49 6.20
CA VAL A 333 -22.23 18.31 5.57
C VAL A 333 -22.79 18.06 4.17
N PHE A 334 -24.13 18.11 4.02
CA PHE A 334 -24.83 17.82 2.76
C PHE A 334 -24.56 18.91 1.70
N GLN A 335 -24.04 20.06 2.10
CA GLN A 335 -23.61 21.10 1.12
C GLN A 335 -22.21 20.76 0.65
N LEU A 336 -21.30 20.54 1.61
CA LEU A 336 -19.89 20.20 1.35
C LEU A 336 -19.87 19.00 0.41
N ILE A 337 -20.53 17.92 0.81
CA ILE A 337 -20.64 16.69 -0.02
C ILE A 337 -21.27 17.05 -1.38
N GLY A 338 -22.35 17.81 -1.38
CA GLY A 338 -23.03 18.27 -2.61
C GLY A 338 -22.10 19.00 -3.58
N GLY A 339 -21.16 19.79 -3.05
CA GLY A 339 -20.14 20.48 -3.88
C GLY A 339 -19.11 19.49 -4.39
N LEU A 340 -18.65 18.59 -3.52
CA LEU A 340 -17.67 17.54 -3.90
C LEU A 340 -18.24 16.65 -5.00
N ARG A 341 -19.53 16.37 -4.98
CA ARG A 341 -20.14 15.54 -6.04
C ARG A 341 -20.07 16.33 -7.36
N ALA A 342 -20.59 17.57 -7.37
CA ALA A 342 -20.62 18.43 -8.58
C ALA A 342 -19.21 18.56 -9.16
N SER A 343 -18.23 18.67 -8.27
CA SER A 343 -16.79 18.66 -8.60
C SER A 343 -16.43 17.32 -9.23
N MET A 344 -16.80 16.23 -8.55
CA MET A 344 -16.52 14.87 -9.06
C MET A 344 -17.11 14.69 -10.47
N GLY A 345 -18.34 15.18 -10.69
CA GLY A 345 -18.99 15.19 -12.01
C GLY A 345 -18.21 15.99 -13.05
N TYR A 346 -17.63 17.13 -12.68
CA TYR A 346 -16.82 17.98 -13.59
C TYR A 346 -15.56 17.21 -13.99
N CYS A 347 -15.00 16.42 -13.07
CA CYS A 347 -13.70 15.75 -13.29
C CYS A 347 -13.88 14.39 -13.99
N GLY A 348 -15.12 13.92 -14.17
CA GLY A 348 -15.38 12.55 -14.68
C GLY A 348 -14.87 11.49 -13.71
N ALA A 349 -15.17 11.66 -12.42
CA ALA A 349 -14.75 10.76 -11.33
C ALA A 349 -15.99 10.18 -10.64
N LYS A 350 -16.17 8.87 -10.67
CA LYS A 350 -17.37 8.20 -10.13
C LYS A 350 -17.12 7.83 -8.67
N ASN A 351 -15.86 7.84 -8.25
CA ASN A 351 -15.42 7.56 -6.86
C ASN A 351 -14.11 8.32 -6.54
N LEU A 352 -13.71 8.36 -5.28
CA LEU A 352 -12.57 9.20 -4.82
C LEU A 352 -11.25 8.74 -5.45
N LYS A 353 -11.12 7.44 -5.75
CA LYS A 353 -9.94 6.86 -6.48
C LYS A 353 -9.74 7.57 -7.82
N GLU A 354 -10.79 7.60 -8.63
CA GLU A 354 -10.74 8.22 -9.97
C GLU A 354 -10.50 9.72 -9.82
N MET A 355 -11.08 10.38 -8.85
CA MET A 355 -10.80 11.77 -8.58
C MET A 355 -9.34 12.00 -8.30
N GLN A 356 -8.72 11.09 -7.59
CA GLN A 356 -7.25 11.17 -7.37
C GLN A 356 -6.49 10.95 -8.69
N GLU A 357 -6.99 10.09 -9.60
CA GLU A 357 -6.24 9.68 -10.83
C GLU A 357 -6.50 10.61 -12.04
N LYS A 358 -7.47 11.53 -11.95
CA LYS A 358 -7.93 12.30 -13.14
C LYS A 358 -7.82 13.79 -12.94
N ALA A 359 -8.31 14.29 -11.81
CA ALA A 359 -8.23 15.71 -11.43
C ALA A 359 -6.84 16.24 -11.81
N ARG A 360 -6.83 17.36 -12.52
CA ARG A 360 -5.61 18.09 -12.91
C ARG A 360 -5.83 19.52 -12.44
N PHE A 361 -4.74 20.20 -12.11
CA PHE A 361 -4.76 21.61 -11.64
C PHE A 361 -4.27 22.54 -12.75
N VAL A 362 -4.67 23.79 -12.67
CA VAL A 362 -4.00 24.94 -13.34
C VAL A 362 -3.75 25.95 -12.24
N ILE A 363 -2.73 26.78 -12.38
CA ILE A 363 -2.33 27.72 -11.31
C ILE A 363 -2.85 29.11 -11.67
N ILE A 364 -3.40 29.81 -10.67
CA ILE A 364 -4.06 31.13 -10.84
C ILE A 364 -3.53 32.16 -9.83
N THR A 365 -3.77 33.43 -10.14
CA THR A 365 -3.08 34.61 -9.56
C THR A 365 -3.88 35.25 -8.41
N ILE A 377 -21.67 44.65 -7.71
CA ILE A 377 -22.92 43.83 -7.64
C ILE A 377 -23.28 43.57 -6.17
N ILE A 378 -24.53 43.82 -5.79
CA ILE A 378 -25.01 43.56 -4.40
C ILE A 378 -25.60 42.16 -4.35
N ILE A 379 -25.21 41.39 -3.34
CA ILE A 379 -25.61 39.97 -3.18
C ILE A 379 -26.79 39.93 -2.20
N THR A 380 -27.82 39.12 -2.48
CA THR A 380 -29.04 39.00 -1.63
C THR A 380 -29.32 37.56 -1.13
N ASN A 381 -29.01 36.52 -1.92
CA ASN A 381 -29.09 35.12 -1.42
C ASN A 381 -28.04 34.23 -2.11
N GLU A 382 -26.90 33.99 -1.45
CA GLU A 382 -25.82 33.18 -2.06
C GLU A 382 -26.04 31.70 -1.76
N ALA A 383 -27.27 31.31 -1.40
CA ALA A 383 -27.68 29.91 -1.17
C ALA A 383 -28.93 29.57 -2.00
N MET B 1 -10.61 -32.38 19.39
CA MET B 1 -9.30 -31.73 19.10
C MET B 1 -8.75 -32.24 17.76
N PHE B 2 -8.66 -33.56 17.63
CA PHE B 2 -7.96 -34.19 16.49
C PHE B 2 -8.93 -34.35 15.31
N LEU B 3 -10.07 -35.02 15.49
CA LEU B 3 -11.01 -35.19 14.36
C LEU B 3 -11.39 -33.81 13.85
N LYS B 4 -11.43 -32.83 14.77
CA LYS B 4 -11.77 -31.42 14.44
C LYS B 4 -10.77 -30.92 13.41
N LYS B 5 -9.48 -31.13 13.62
CA LYS B 5 -8.48 -30.60 12.71
C LYS B 5 -8.86 -30.90 11.27
N LEU B 6 -9.39 -32.08 11.05
CA LEU B 6 -9.80 -32.53 9.74
C LEU B 6 -11.14 -32.06 9.37
N ILE B 7 -12.14 -32.54 10.06
CA ILE B 7 -13.53 -32.23 9.78
C ILE B 7 -13.72 -30.77 9.40
N GLU B 8 -12.88 -29.89 9.92
CA GLU B 8 -13.05 -28.43 9.67
C GLU B 8 -11.90 -27.90 8.79
N ALA B 9 -11.07 -28.77 8.21
CA ALA B 9 -9.93 -28.35 7.34
C ALA B 9 -10.45 -27.72 6.06
N LYS B 10 -9.75 -26.70 5.57
CA LYS B 10 -10.07 -26.00 4.32
C LYS B 10 -9.49 -26.80 3.14
N LYS B 11 -10.20 -26.89 2.04
CA LYS B 11 -9.63 -27.52 0.86
C LYS B 11 -8.82 -26.42 0.18
N ALA B 12 -7.69 -26.73 -0.40
CA ALA B 12 -6.77 -25.74 -1.00
C ALA B 12 -6.36 -26.18 -2.42
N TYR B 13 -6.08 -25.21 -3.28
CA TYR B 13 -5.98 -25.45 -4.74
C TYR B 13 -4.57 -25.14 -5.28
N THR B 14 -4.11 -25.97 -6.24
CA THR B 14 -2.91 -25.75 -7.07
C THR B 14 -3.38 -25.43 -8.50
N PHE B 15 -2.48 -25.40 -9.48
CA PHE B 15 -2.79 -24.92 -10.85
C PHE B 15 -3.82 -25.84 -11.53
N ASP B 16 -3.54 -27.15 -11.56
CA ASP B 16 -4.37 -28.15 -12.29
C ASP B 16 -5.78 -28.22 -11.70
N ASP B 17 -5.99 -27.64 -10.51
CA ASP B 17 -7.30 -27.63 -9.83
C ASP B 17 -8.25 -26.60 -10.50
N VAL B 18 -7.73 -25.62 -11.24
CA VAL B 18 -8.59 -24.50 -11.73
C VAL B 18 -8.39 -24.29 -13.23
N LEU B 19 -9.32 -23.52 -13.80
CA LEU B 19 -9.23 -22.90 -15.15
C LEU B 19 -9.71 -21.44 -15.06
N LEU B 20 -9.23 -20.62 -15.99
CA LEU B 20 -9.64 -19.20 -16.04
C LEU B 20 -10.84 -19.07 -16.98
N VAL B 21 -11.92 -18.45 -16.50
CA VAL B 21 -13.11 -18.17 -17.34
C VAL B 21 -12.93 -16.87 -18.12
N PRO B 22 -13.26 -16.93 -19.43
CA PRO B 22 -13.13 -15.78 -20.30
C PRO B 22 -14.22 -14.73 -20.12
N ASN B 23 -13.78 -13.49 -20.25
CA ASN B 23 -14.57 -12.27 -20.05
C ASN B 23 -14.56 -11.52 -21.37
N ALA B 24 -15.56 -10.66 -21.58
CA ALA B 24 -15.52 -9.62 -22.63
C ALA B 24 -14.19 -8.88 -22.57
N SER B 25 -13.47 -8.82 -23.71
CA SER B 25 -12.13 -8.22 -23.79
C SER B 25 -12.01 -7.30 -25.01
N TRP B 26 -11.77 -6.02 -24.76
CA TRP B 26 -11.35 -5.06 -25.82
C TRP B 26 -9.93 -5.37 -26.21
N VAL B 27 -9.18 -6.02 -25.32
CA VAL B 27 -7.74 -6.29 -25.50
C VAL B 27 -7.52 -7.52 -26.41
N GLU B 28 -6.72 -7.32 -27.47
CA GLU B 28 -6.00 -8.39 -28.21
C GLU B 28 -4.69 -8.67 -27.47
N PRO B 29 -4.07 -9.86 -27.65
CA PRO B 29 -2.75 -10.13 -27.05
C PRO B 29 -1.68 -9.10 -27.45
N LYS B 30 -1.58 -8.78 -28.72
CA LYS B 30 -0.64 -7.75 -29.15
C LYS B 30 -0.67 -6.47 -28.32
N ASP B 31 -1.80 -6.09 -27.81
CA ASP B 31 -1.90 -4.80 -27.07
C ASP B 31 -1.22 -4.86 -25.69
N THR B 32 -1.25 -6.02 -25.02
CA THR B 32 -1.15 -6.13 -23.54
C THR B 32 0.13 -5.53 -22.97
N ASP B 33 0.11 -5.21 -21.67
CA ASP B 33 1.26 -4.73 -20.85
C ASP B 33 1.59 -5.75 -19.75
N VAL B 34 2.69 -6.49 -19.91
CA VAL B 34 3.09 -7.55 -18.95
C VAL B 34 4.23 -7.04 -18.09
N SER B 35 4.35 -5.73 -17.91
CA SER B 35 5.30 -5.12 -16.94
C SER B 35 4.75 -5.35 -15.53
N THR B 36 5.57 -5.10 -14.51
CA THR B 36 5.20 -5.32 -13.08
C THR B 36 6.26 -4.67 -12.18
N ASP B 37 5.78 -3.83 -11.26
CA ASP B 37 6.58 -2.87 -10.47
C ASP B 37 6.84 -3.45 -9.06
N LEU B 38 7.93 -4.18 -8.89
CA LEU B 38 8.21 -4.80 -7.58
C LEU B 38 8.80 -3.76 -6.60
N ALA B 39 7.95 -2.94 -6.02
CA ALA B 39 8.42 -1.96 -5.05
C ALA B 39 9.54 -1.10 -5.60
N GLY B 40 9.82 -1.22 -6.89
CA GLY B 40 10.87 -0.45 -7.51
C GLY B 40 11.45 -1.09 -8.75
N LEU B 41 11.82 -2.36 -8.66
CA LEU B 41 12.37 -3.06 -9.80
C LEU B 41 11.39 -2.98 -10.96
N LYS B 42 11.68 -2.20 -11.97
CA LYS B 42 10.75 -2.04 -13.06
C LYS B 42 10.96 -3.15 -14.07
N LEU B 43 10.27 -4.23 -13.84
CA LEU B 43 10.31 -5.41 -14.71
C LEU B 43 9.29 -5.22 -15.81
N ASN B 44 9.69 -5.50 -17.05
CA ASN B 44 8.81 -5.41 -18.24
C ASN B 44 8.17 -6.79 -18.53
N ILE B 45 8.67 -7.87 -17.93
CA ILE B 45 8.01 -9.19 -17.94
C ILE B 45 8.03 -9.76 -16.53
N PRO B 46 7.04 -10.58 -16.12
CA PRO B 46 6.92 -10.97 -14.72
C PRO B 46 7.74 -12.21 -14.35
N ILE B 47 8.89 -12.46 -14.98
CA ILE B 47 9.71 -13.69 -14.72
C ILE B 47 10.88 -13.35 -13.80
N VAL B 48 11.12 -14.21 -12.80
CA VAL B 48 12.32 -14.19 -11.93
C VAL B 48 13.10 -15.50 -12.17
N SER B 49 14.43 -15.44 -12.15
CA SER B 49 15.30 -16.64 -12.15
C SER B 49 15.36 -17.21 -10.74
N ALA B 50 15.08 -18.50 -10.57
CA ALA B 50 15.23 -19.21 -9.28
C ALA B 50 16.69 -19.12 -8.79
N ALA B 51 16.90 -18.90 -7.48
CA ALA B 51 18.22 -18.64 -6.89
C ALA B 51 18.93 -19.98 -6.66
N MET B 52 19.41 -20.59 -7.75
CA MET B 52 19.81 -22.02 -7.75
C MET B 52 21.05 -22.22 -8.62
N ASP B 53 21.97 -23.06 -8.14
CA ASP B 53 23.30 -23.35 -8.76
C ASP B 53 23.19 -23.92 -10.18
N THR B 54 22.02 -24.41 -10.60
CA THR B 54 21.76 -24.95 -11.96
C THR B 54 20.86 -24.03 -12.77
N VAL B 55 20.42 -22.91 -12.18
CA VAL B 55 19.47 -22.05 -12.87
C VAL B 55 20.00 -20.64 -13.14
N THR B 56 20.32 -19.91 -12.08
CA THR B 56 20.77 -18.53 -12.27
C THR B 56 22.26 -18.36 -12.26
N GLU B 57 22.78 -17.64 -13.24
CA GLU B 57 24.19 -17.35 -13.28
C GLU B 57 24.34 -16.03 -14.00
N LYS B 58 25.51 -15.43 -13.91
CA LYS B 58 25.69 -14.20 -14.69
C LYS B 58 25.11 -14.44 -16.08
N GLU B 59 25.31 -15.61 -16.65
CA GLU B 59 24.82 -15.85 -18.04
C GLU B 59 23.30 -15.70 -18.06
N MET B 60 22.61 -16.35 -17.12
CA MET B 60 21.13 -16.27 -16.98
C MET B 60 20.69 -14.84 -16.63
N ALA B 61 21.33 -14.20 -15.65
CA ALA B 61 20.84 -12.92 -15.09
C ALA B 61 20.85 -11.85 -16.19
N ILE B 62 21.91 -11.82 -16.99
CA ILE B 62 22.12 -10.81 -18.06
C ILE B 62 21.06 -11.02 -19.15
N ALA B 63 20.92 -12.25 -19.65
CA ALA B 63 19.93 -12.58 -20.69
C ALA B 63 18.55 -12.14 -20.20
N LEU B 64 18.16 -12.60 -19.01
CA LEU B 64 16.80 -12.37 -18.46
C LEU B 64 16.54 -10.88 -18.21
N ALA B 65 17.55 -10.16 -17.72
CA ALA B 65 17.43 -8.71 -17.48
C ALA B 65 17.05 -8.02 -18.80
N ARG B 66 17.68 -8.44 -19.89
CA ARG B 66 17.48 -7.81 -21.22
C ARG B 66 16.05 -8.02 -21.67
N LEU B 67 15.45 -9.17 -21.33
CA LEU B 67 14.07 -9.50 -21.72
C LEU B 67 13.05 -8.77 -20.84
N GLY B 68 13.51 -8.12 -19.77
CA GLY B 68 12.66 -7.36 -18.85
C GLY B 68 12.49 -8.04 -17.49
N GLY B 69 13.12 -9.20 -17.33
CA GLY B 69 13.03 -9.97 -16.07
C GLY B 69 14.12 -9.59 -15.11
N LEU B 70 14.31 -10.42 -14.08
CA LEU B 70 15.29 -10.22 -13.00
C LEU B 70 15.94 -11.55 -12.61
N GLY B 71 17.27 -11.61 -12.67
CA GLY B 71 18.06 -12.71 -12.11
C GLY B 71 18.12 -12.65 -10.59
N VAL B 72 18.28 -13.80 -9.94
CA VAL B 72 18.61 -13.93 -8.50
C VAL B 72 19.78 -14.90 -8.38
N ILE B 73 21.00 -14.38 -8.23
CA ILE B 73 22.24 -15.20 -8.19
C ILE B 73 22.21 -16.05 -6.92
N HIS B 74 22.51 -17.34 -7.07
CA HIS B 74 22.45 -18.33 -5.97
C HIS B 74 23.53 -18.02 -4.96
N ARG B 75 23.31 -18.36 -3.69
CA ARG B 75 24.28 -18.08 -2.61
C ARG B 75 25.11 -19.33 -2.32
N ASN B 76 25.06 -20.33 -3.18
CA ASN B 76 25.97 -21.51 -3.06
C ASN B 76 27.32 -21.20 -3.75
N MET B 77 28.05 -20.21 -3.22
CA MET B 77 29.38 -19.74 -3.74
C MET B 77 29.94 -18.68 -2.78
N SER B 78 31.25 -18.50 -2.76
CA SER B 78 31.91 -17.55 -1.84
C SER B 78 31.40 -16.13 -2.09
N ILE B 79 31.72 -15.21 -1.19
CA ILE B 79 31.25 -13.80 -1.29
C ILE B 79 32.02 -13.08 -2.41
N GLU B 80 33.33 -13.31 -2.51
CA GLU B 80 34.18 -12.71 -3.60
C GLU B 80 33.62 -13.12 -4.99
N GLU B 81 33.06 -14.32 -5.13
CA GLU B 81 32.53 -14.79 -6.43
C GLU B 81 31.18 -14.10 -6.69
N GLN B 82 30.23 -14.20 -5.76
CA GLN B 82 28.87 -13.67 -5.96
C GLN B 82 28.91 -12.16 -6.18
N VAL B 83 29.86 -11.47 -5.53
CA VAL B 83 30.07 -10.02 -5.77
C VAL B 83 30.63 -9.85 -7.19
N HIS B 84 31.60 -10.65 -7.61
CA HIS B 84 32.12 -10.59 -9.00
C HIS B 84 30.95 -10.75 -9.97
N GLN B 85 30.11 -11.72 -9.71
CA GLN B 85 28.97 -11.99 -10.56
C GLN B 85 28.00 -10.83 -10.60
N VAL B 86 27.51 -10.40 -9.47
CA VAL B 86 26.60 -9.22 -9.39
C VAL B 86 27.17 -8.10 -10.25
N GLN B 87 28.48 -7.85 -10.13
CA GLN B 87 29.17 -6.73 -10.80
C GLN B 87 29.19 -6.95 -12.33
N ALA B 88 29.24 -8.22 -12.77
CA ALA B 88 29.32 -8.59 -14.20
C ALA B 88 28.03 -8.20 -14.91
N VAL B 89 26.91 -8.20 -14.17
CA VAL B 89 25.55 -7.89 -14.69
C VAL B 89 25.44 -6.37 -14.78
N LYS B 90 26.03 -5.67 -13.80
CA LYS B 90 26.04 -4.19 -13.77
C LYS B 90 26.90 -3.64 -14.90
N LYS B 91 27.84 -4.44 -15.43
CA LYS B 91 28.88 -3.96 -16.39
C LYS B 91 28.76 -4.61 -17.78
N ALA B 92 27.62 -5.20 -18.15
CA ALA B 92 27.47 -5.90 -19.45
C ALA B 92 27.21 -4.90 -20.57
N ASP B 93 26.40 -3.87 -20.32
CA ASP B 93 26.13 -2.79 -21.30
C ASP B 93 27.17 -1.67 -21.15
N GLY B 101 19.48 -1.15 -28.67
CA GLY B 101 19.93 -2.28 -27.83
C GLY B 101 18.82 -3.32 -27.63
N TYR B 102 18.54 -3.67 -26.37
CA TYR B 102 17.47 -4.62 -25.98
C TYR B 102 16.34 -3.80 -25.32
N PRO B 103 15.28 -3.48 -26.09
CA PRO B 103 14.39 -2.35 -25.77
C PRO B 103 13.67 -2.53 -24.43
N GLN B 104 13.20 -3.74 -24.14
CA GLN B 104 12.42 -4.06 -22.92
C GLN B 104 13.37 -4.40 -21.75
N ALA B 105 14.67 -4.20 -21.89
CA ALA B 105 15.66 -4.46 -20.82
C ALA B 105 15.26 -3.74 -19.53
N ALA B 106 15.15 -4.50 -18.44
CA ALA B 106 14.84 -4.00 -17.07
C ALA B 106 16.12 -3.47 -16.42
N ARG B 107 16.19 -2.19 -16.05
CA ARG B 107 17.48 -1.59 -15.63
C ARG B 107 17.30 -0.54 -14.54
N ASP B 108 18.33 -0.34 -13.73
CA ASP B 108 18.29 0.56 -12.53
C ASP B 108 18.39 2.02 -12.97
N LYS B 109 18.04 2.98 -12.12
CA LYS B 109 18.07 4.41 -12.47
C LYS B 109 19.36 4.80 -13.14
N LYS B 110 20.38 4.06 -12.86
CA LYS B 110 21.70 4.30 -13.49
C LYS B 110 21.83 3.61 -14.87
N GLY B 111 20.73 3.05 -15.39
CA GLY B 111 20.66 2.51 -16.76
C GLY B 111 21.28 1.13 -16.91
N ARG B 112 21.60 0.46 -15.78
CA ARG B 112 22.25 -0.88 -15.81
C ARG B 112 21.22 -1.96 -15.60
N LEU B 113 21.48 -3.14 -16.17
CA LEU B 113 20.64 -4.35 -16.04
C LEU B 113 20.40 -4.59 -14.55
N LEU B 114 19.19 -4.76 -14.10
CA LEU B 114 18.97 -4.93 -12.69
C LEU B 114 19.22 -6.37 -12.28
N VAL B 115 19.90 -6.54 -11.17
CA VAL B 115 20.22 -7.91 -10.69
C VAL B 115 19.83 -8.00 -9.23
N ALA B 116 19.46 -9.19 -8.82
CA ALA B 116 19.26 -9.53 -7.40
C ALA B 116 20.19 -10.69 -7.03
N ALA B 117 20.36 -10.91 -5.74
CA ALA B 117 21.25 -11.98 -5.23
C ALA B 117 20.71 -12.56 -3.92
N ALA B 118 20.85 -13.88 -3.77
CA ALA B 118 20.30 -14.61 -2.60
C ALA B 118 21.28 -14.52 -1.43
N CYS B 119 20.74 -14.39 -0.22
CA CYS B 119 21.48 -14.27 1.07
C CYS B 119 20.87 -15.21 2.12
N GLY B 120 21.72 -15.87 2.90
CA GLY B 120 21.26 -16.64 4.08
C GLY B 120 20.76 -15.66 5.14
N PRO B 121 19.75 -16.07 5.94
CA PRO B 121 19.09 -15.15 6.88
C PRO B 121 19.84 -14.96 8.22
N HIS B 122 21.05 -15.51 8.32
CA HIS B 122 22.03 -15.15 9.37
C HIS B 122 23.31 -14.54 8.76
N ASP B 123 23.40 -14.38 7.45
CA ASP B 123 24.66 -14.01 6.76
C ASP B 123 24.72 -12.50 6.51
N PHE B 124 24.90 -11.70 7.56
CA PHE B 124 24.90 -10.21 7.47
C PHE B 124 26.06 -9.71 6.62
N GLU B 125 27.26 -10.26 6.71
CA GLU B 125 28.42 -9.78 5.97
C GLU B 125 28.12 -9.88 4.54
N ARG B 126 27.72 -11.06 4.09
CA ARG B 126 27.29 -11.25 2.70
C ARG B 126 26.38 -10.14 2.18
N ALA B 127 25.47 -9.69 3.00
CA ALA B 127 24.59 -8.57 2.61
C ALA B 127 25.41 -7.28 2.48
N LYS B 128 26.28 -7.03 3.47
CA LYS B 128 27.19 -5.87 3.48
C LYS B 128 28.02 -5.90 2.20
N ALA B 129 28.60 -7.06 1.88
CA ALA B 129 29.38 -7.26 0.64
C ALA B 129 28.51 -6.93 -0.58
N LEU B 130 27.30 -7.46 -0.59
CA LEU B 130 26.35 -7.31 -1.71
C LEU B 130 25.95 -5.84 -1.91
N ILE B 131 25.89 -5.07 -0.84
CA ILE B 131 25.45 -3.65 -0.90
C ILE B 131 26.49 -2.84 -1.69
N GLU B 132 27.76 -2.90 -1.28
CA GLU B 132 28.93 -2.30 -1.99
C GLU B 132 29.08 -2.92 -3.38
N ALA B 133 28.68 -4.17 -3.55
CA ALA B 133 28.74 -4.81 -4.86
C ALA B 133 27.67 -4.22 -5.76
N GLU B 134 26.97 -3.20 -5.27
CA GLU B 134 25.92 -2.56 -6.07
C GLU B 134 24.85 -3.55 -6.49
N VAL B 135 24.00 -3.96 -5.55
CA VAL B 135 22.90 -4.85 -5.90
C VAL B 135 21.55 -4.12 -5.79
N ASP B 136 20.61 -4.46 -6.65
CA ASP B 136 19.29 -3.78 -6.68
C ASP B 136 18.32 -4.38 -5.68
N ALA B 137 18.52 -5.64 -5.31
CA ALA B 137 17.78 -6.27 -4.20
C ALA B 137 18.61 -7.40 -3.57
N ILE B 138 18.42 -7.58 -2.27
CA ILE B 138 18.93 -8.74 -1.50
C ILE B 138 17.75 -9.65 -1.19
N ALA B 139 17.81 -10.89 -1.65
CA ALA B 139 16.71 -11.82 -1.44
C ALA B 139 17.06 -12.80 -0.34
N ILE B 140 16.49 -12.58 0.83
CA ILE B 140 16.72 -13.49 1.94
C ILE B 140 16.07 -14.82 1.61
N ASP B 141 16.81 -15.71 1.00
CA ASP B 141 16.25 -17.00 0.65
C ASP B 141 16.18 -17.95 1.82
N CYS B 142 15.10 -18.73 1.90
CA CYS B 142 14.91 -19.62 3.05
C CYS B 142 13.88 -20.74 2.84
N ALA B 143 14.09 -21.88 3.48
CA ALA B 143 13.16 -23.01 3.40
C ALA B 143 11.89 -22.60 4.15
N HIS B 144 12.07 -22.05 5.36
CA HIS B 144 10.98 -21.68 6.30
C HIS B 144 11.25 -20.28 6.85
N ALA B 145 10.78 -19.24 6.15
CA ALA B 145 11.09 -17.84 6.49
C ALA B 145 10.16 -17.32 7.59
N HIS B 146 9.19 -18.14 8.06
CA HIS B 146 8.42 -17.83 9.28
C HIS B 146 9.15 -18.36 10.52
N ASN B 147 10.36 -18.93 10.36
CA ASN B 147 11.27 -19.10 11.52
C ASN B 147 11.37 -17.73 12.16
N MET B 148 10.81 -17.58 13.35
CA MET B 148 10.74 -16.28 14.04
C MET B 148 12.07 -15.58 14.26
N ARG B 149 13.16 -16.31 14.27
CA ARG B 149 14.53 -15.74 14.32
C ARG B 149 14.86 -15.19 12.92
N VAL B 150 14.28 -15.75 11.86
CA VAL B 150 14.44 -15.24 10.46
C VAL B 150 13.71 -13.90 10.35
N VAL B 151 12.46 -13.82 10.82
CA VAL B 151 11.68 -12.54 10.73
C VAL B 151 12.41 -11.47 11.54
N GLU B 152 13.04 -11.85 12.66
CA GLU B 152 13.84 -10.92 13.49
C GLU B 152 15.01 -10.38 12.68
N ASN B 153 15.75 -11.24 11.98
CA ASN B 153 16.94 -10.88 11.16
N PHE B 157 13.66 -9.77 8.81
CA PHE B 157 14.34 -8.72 8.01
C PHE B 157 14.70 -7.43 8.79
N LYS B 158 14.22 -7.22 10.02
CA LYS B 158 14.39 -5.91 10.72
C LYS B 158 15.87 -5.50 10.69
N GLU B 159 16.80 -6.43 11.00
CA GLU B 159 18.25 -6.11 11.07
C GLU B 159 18.78 -5.78 9.67
N MET B 160 18.42 -6.57 8.67
CA MET B 160 18.85 -6.35 7.31
C MET B 160 18.19 -5.12 6.70
N LEU B 161 17.02 -4.79 7.18
CA LEU B 161 16.27 -3.61 6.70
C LEU B 161 17.05 -2.29 6.84
N GLU B 162 17.81 -2.09 7.92
CA GLU B 162 18.48 -0.81 8.27
C GLU B 162 19.53 -0.48 7.21
N GLY B 163 20.41 -1.44 6.93
CA GLY B 163 21.38 -1.23 5.90
C GLY B 163 20.69 -1.51 4.63
N THR B 164 20.01 -0.52 4.12
CA THR B 164 19.23 -0.65 2.86
C THR B 164 18.74 0.72 2.37
N ASP B 165 18.99 0.98 1.06
CA ASP B 165 18.25 1.89 0.12
C ASP B 165 18.07 1.20 -1.25
N ILE B 166 18.12 -0.12 -1.25
CA ILE B 166 17.84 -0.87 -2.48
C ILE B 166 16.50 -1.60 -2.29
N LYS B 167 16.43 -2.92 -2.27
CA LYS B 167 15.16 -3.61 -2.01
C LYS B 167 15.32 -4.96 -1.30
N LEU B 168 14.41 -5.33 -0.42
CA LEU B 168 14.55 -6.53 0.44
C LEU B 168 13.49 -7.54 0.05
N ILE B 169 13.89 -8.59 -0.66
CA ILE B 169 13.02 -9.76 -0.98
C ILE B 169 13.13 -10.73 0.21
N VAL B 170 12.04 -11.41 0.57
CA VAL B 170 12.06 -12.41 1.67
C VAL B 170 11.19 -13.60 1.28
N GLY B 171 11.77 -14.79 1.39
CA GLY B 171 11.07 -16.07 1.15
C GLY B 171 11.78 -17.27 1.78
N ASN B 172 11.10 -18.40 1.94
CA ASN B 172 9.79 -18.64 1.38
C ASN B 172 8.75 -18.84 2.46
N ILE B 173 7.50 -18.48 2.16
CA ILE B 173 6.34 -18.57 3.10
C ILE B 173 5.10 -18.94 2.28
N ALA B 174 4.02 -19.33 2.97
CA ALA B 174 2.77 -19.80 2.34
C ALA B 174 1.52 -19.36 3.11
N THR B 175 1.71 -18.71 4.26
CA THR B 175 0.61 -18.35 5.12
C THR B 175 0.31 -16.91 5.35
N LYS B 176 -0.97 -16.62 5.56
CA LYS B 176 -1.48 -15.27 5.89
C LYS B 176 -0.64 -14.60 6.99
N GLU B 177 -0.52 -15.25 8.15
CA GLU B 177 0.09 -14.62 9.34
C GLU B 177 1.58 -14.43 9.09
N ALA B 178 2.18 -15.28 8.24
CA ALA B 178 3.59 -15.13 7.82
C ALA B 178 3.77 -13.83 7.04
N ALA B 179 2.84 -13.48 6.16
CA ALA B 179 2.87 -12.21 5.39
C ALA B 179 2.81 -11.06 6.38
N GLU B 180 1.93 -11.23 7.38
CA GLU B 180 1.80 -10.27 8.50
C GLU B 180 3.20 -10.08 9.12
N ASP B 181 3.73 -11.12 9.75
CA ASP B 181 4.97 -11.03 10.54
C ASP B 181 6.14 -10.52 9.68
N LEU B 182 6.23 -10.87 8.40
CA LEU B 182 7.46 -10.61 7.59
C LEU B 182 7.39 -9.25 6.90
N ILE B 183 6.53 -8.31 7.46
CA ILE B 183 6.26 -7.02 6.83
C ILE B 183 7.26 -5.89 7.08
N LYS B 184 8.46 -6.26 7.47
CA LYS B 184 9.50 -5.26 7.75
C LYS B 184 10.77 -5.54 6.95
CA ALA B 187 10.21 -6.85 3.67
C ALA B 187 9.46 -5.97 2.67
N ASP B 188 10.08 -5.70 1.53
CA ASP B 188 9.47 -4.90 0.45
C ASP B 188 8.70 -5.84 -0.49
N VAL B 189 9.27 -7.01 -0.72
CA VAL B 189 8.71 -8.03 -1.63
C VAL B 189 8.67 -9.34 -0.89
N LEU B 190 7.57 -10.09 -1.00
CA LEU B 190 7.43 -11.46 -0.44
C LEU B 190 7.55 -12.49 -1.56
N LYS B 191 8.18 -13.61 -1.29
CA LYS B 191 8.27 -14.75 -2.23
C LYS B 191 7.47 -15.91 -1.63
N VAL B 192 6.48 -16.43 -2.36
CA VAL B 192 5.61 -17.47 -1.80
C VAL B 192 5.79 -18.85 -2.42
N GLY B 193 5.63 -19.90 -1.63
CA GLY B 193 5.75 -21.25 -2.14
C GLY B 193 5.20 -22.31 -1.19
N ILE B 194 6.13 -23.03 -0.57
CA ILE B 194 5.80 -24.12 0.37
C ILE B 194 5.22 -25.34 -0.37
N GLY B 195 6.10 -26.16 -0.94
CA GLY B 195 5.66 -27.38 -1.61
C GLY B 195 5.54 -27.51 -3.12
N PRO B 196 5.37 -26.41 -3.87
CA PRO B 196 5.14 -26.59 -5.31
C PRO B 196 6.41 -26.76 -6.13
N GLY B 197 7.57 -26.89 -5.51
CA GLY B 197 8.82 -26.95 -6.29
C GLY B 197 8.97 -28.27 -7.03
N SER B 198 9.16 -28.22 -8.34
CA SER B 198 9.15 -29.41 -9.24
C SER B 198 10.12 -30.50 -8.76
N ILE B 199 11.24 -30.14 -8.12
CA ILE B 199 12.24 -31.05 -7.61
C ILE B 199 12.27 -31.05 -6.09
N CYS B 200 11.46 -30.21 -5.50
CA CYS B 200 11.39 -30.02 -4.04
C CYS B 200 10.59 -31.20 -3.46
N THR B 201 11.02 -31.69 -2.29
CA THR B 201 10.44 -32.90 -1.66
C THR B 201 10.09 -32.60 -0.20
N THR B 202 9.93 -31.32 0.13
CA THR B 202 9.38 -30.84 1.42
C THR B 202 8.10 -31.59 1.81
N ARG B 203 7.29 -32.00 0.84
CA ARG B 203 6.01 -32.71 1.12
C ARG B 203 6.29 -34.15 1.53
N VAL B 204 7.12 -34.85 0.78
CA VAL B 204 7.40 -36.27 1.09
C VAL B 204 8.22 -36.28 2.38
N VAL B 205 9.32 -35.51 2.40
CA VAL B 205 10.21 -35.46 3.57
C VAL B 205 9.40 -35.06 4.81
N ALA B 206 8.88 -33.83 4.85
CA ALA B 206 8.27 -33.26 6.08
C ALA B 206 6.75 -33.50 6.16
N GLY B 207 6.09 -33.75 5.04
CA GLY B 207 4.63 -33.80 4.98
C GLY B 207 4.05 -32.42 5.17
N VAL B 208 4.79 -31.39 4.78
CA VAL B 208 4.39 -29.98 4.97
C VAL B 208 4.15 -29.38 3.59
N GLY B 209 3.14 -28.52 3.45
CA GLY B 209 2.90 -27.75 2.21
C GLY B 209 1.62 -26.93 2.18
N VAL B 210 1.54 -26.01 1.22
CA VAL B 210 0.26 -25.43 0.74
C VAL B 210 0.28 -25.32 -0.78
N PRO B 211 -0.73 -25.93 -1.43
CA PRO B 211 -1.01 -25.74 -2.85
C PRO B 211 -0.91 -24.29 -3.33
N GLN B 212 -0.08 -24.05 -4.33
CA GLN B 212 0.41 -22.67 -4.60
C GLN B 212 -0.75 -21.66 -4.71
N LEU B 213 -1.87 -21.98 -5.34
CA LEU B 213 -2.87 -20.93 -5.66
C LEU B 213 -3.53 -20.42 -4.37
N THR B 214 -3.95 -21.33 -3.49
CA THR B 214 -4.47 -20.97 -2.14
C THR B 214 -3.37 -20.19 -1.38
N ALA B 215 -2.13 -20.65 -1.50
CA ALA B 215 -0.96 -20.06 -0.81
C ALA B 215 -0.64 -18.68 -1.37
N VAL B 216 -0.82 -18.47 -2.67
CA VAL B 216 -0.60 -17.14 -3.27
C VAL B 216 -1.78 -16.23 -2.90
N ALA B 217 -3.01 -16.73 -2.98
CA ALA B 217 -4.17 -15.83 -2.84
C ALA B 217 -4.30 -15.40 -1.38
N GLU B 218 -3.84 -16.25 -0.47
CA GLU B 218 -3.96 -15.97 0.98
C GLU B 218 -2.90 -14.94 1.36
N VAL B 219 -1.67 -15.13 0.90
CA VAL B 219 -0.55 -14.18 1.19
C VAL B 219 -0.89 -12.80 0.59
N ALA B 220 -1.45 -12.77 -0.62
CA ALA B 220 -1.69 -11.52 -1.39
C ALA B 220 -2.79 -10.68 -0.74
N ASP B 221 -3.77 -11.29 -0.08
CA ASP B 221 -4.86 -10.54 0.62
C ASP B 221 -4.30 -9.76 1.81
N VAL B 222 -3.18 -10.22 2.36
CA VAL B 222 -2.43 -9.46 3.39
C VAL B 222 -1.53 -8.43 2.67
N ALA B 223 -0.70 -8.88 1.72
CA ALA B 223 0.31 -8.02 1.06
C ALA B 223 -0.33 -6.82 0.33
N LYS B 224 -1.48 -7.01 -0.30
CA LYS B 224 -2.22 -5.91 -0.94
C LYS B 224 -2.52 -4.78 -0.06
N GLU B 225 -3.01 -5.10 1.09
CA GLU B 225 -3.38 -4.04 2.08
C GLU B 225 -2.16 -3.21 2.50
N HIS B 226 -0.92 -3.58 2.11
CA HIS B 226 0.30 -2.77 2.41
C HIS B 226 1.16 -2.45 1.18
N ASN B 227 0.71 -2.84 -0.02
CA ASN B 227 1.43 -2.64 -1.31
C ASN B 227 2.79 -3.36 -1.30
N VAL B 228 2.85 -4.52 -0.68
CA VAL B 228 4.03 -5.41 -0.71
C VAL B 228 3.73 -6.44 -1.78
N PRO B 229 4.34 -6.30 -2.99
CA PRO B 229 4.08 -7.26 -4.08
C PRO B 229 4.57 -8.69 -3.81
N ILE B 230 4.02 -9.66 -4.56
CA ILE B 230 4.27 -11.11 -4.37
C ILE B 230 4.97 -11.71 -5.58
N ILE B 231 5.95 -12.57 -5.31
CA ILE B 231 6.59 -13.48 -6.30
C ILE B 231 6.18 -14.91 -5.90
N ALA B 232 5.49 -15.59 -6.80
CA ALA B 232 5.03 -16.97 -6.59
C ALA B 232 6.14 -17.89 -7.10
N ASP B 233 6.86 -18.53 -6.17
CA ASP B 233 8.05 -19.37 -6.45
C ASP B 233 7.66 -20.84 -6.39
N GLY B 234 7.64 -21.51 -7.55
CA GLY B 234 7.51 -22.97 -7.65
C GLY B 234 6.18 -23.42 -8.27
N GLY B 235 6.26 -24.45 -9.10
CA GLY B 235 5.11 -25.19 -9.64
C GLY B 235 4.80 -24.83 -11.07
N ILE B 236 5.31 -23.69 -11.56
CA ILE B 236 4.95 -23.18 -12.90
C ILE B 236 5.52 -24.15 -13.94
N ARG B 237 4.62 -24.85 -14.63
CA ARG B 237 4.94 -25.79 -15.74
C ARG B 237 4.50 -25.19 -17.06
N TYR B 238 3.36 -24.51 -17.07
CA TYR B 238 2.81 -23.94 -18.31
C TYR B 238 2.72 -22.43 -18.23
N SER B 239 2.57 -21.82 -19.40
CA SER B 239 2.37 -20.38 -19.55
C SER B 239 1.07 -20.02 -18.85
N GLY B 240 0.11 -20.95 -18.91
CA GLY B 240 -1.21 -20.79 -18.26
C GLY B 240 -1.11 -20.82 -16.73
N ASP B 241 -0.07 -21.43 -16.18
CA ASP B 241 0.18 -21.40 -14.71
C ASP B 241 0.57 -19.98 -14.28
N ILE B 242 1.36 -19.31 -15.10
CA ILE B 242 1.85 -17.92 -14.84
C ILE B 242 0.63 -17.00 -14.69
N ALA B 243 -0.26 -17.05 -15.69
CA ALA B 243 -1.56 -16.36 -15.77
C ALA B 243 -2.43 -16.70 -14.55
N LYS B 244 -2.59 -18.00 -14.26
CA LYS B 244 -3.27 -18.51 -13.05
C LYS B 244 -2.62 -17.87 -11.82
N ALA B 245 -1.33 -18.04 -11.61
CA ALA B 245 -0.58 -17.48 -10.46
C ALA B 245 -0.92 -15.99 -10.28
N ILE B 246 -0.88 -15.19 -11.36
CA ILE B 246 -1.17 -13.72 -11.30
C ILE B 246 -2.64 -13.50 -10.87
N ALA B 247 -3.57 -14.23 -11.49
CA ALA B 247 -5.02 -14.10 -11.27
C ALA B 247 -5.32 -14.34 -9.80
N ALA B 248 -4.47 -15.13 -9.12
CA ALA B 248 -4.62 -15.47 -7.68
C ALA B 248 -3.89 -14.45 -6.79
N GLY B 249 -3.12 -13.53 -7.38
CA GLY B 249 -2.48 -12.40 -6.66
C GLY B 249 -0.98 -12.29 -6.84
N ALA B 250 -0.37 -13.10 -7.68
CA ALA B 250 1.08 -13.00 -7.93
C ALA B 250 1.34 -11.74 -8.75
N ASP B 251 2.50 -11.10 -8.54
CA ASP B 251 2.95 -9.95 -9.37
C ASP B 251 4.07 -10.38 -10.31
N ALA B 252 4.62 -11.56 -10.06
CA ALA B 252 5.70 -12.15 -10.86
C ALA B 252 5.83 -13.62 -10.51
N VAL B 253 6.50 -14.39 -11.36
CA VAL B 253 6.74 -15.82 -11.05
C VAL B 253 8.24 -16.07 -10.99
N MET B 254 8.68 -16.88 -10.04
CA MET B 254 10.04 -17.44 -10.06
C MET B 254 9.96 -18.81 -10.75
N LEU B 255 10.86 -19.05 -11.71
CA LEU B 255 10.91 -20.34 -12.45
C LEU B 255 12.33 -20.93 -12.36
N GLY B 256 12.44 -22.21 -12.12
CA GLY B 256 13.72 -22.85 -12.15
C GLY B 256 13.80 -24.02 -13.11
N SER B 257 12.85 -24.90 -13.04
CA SER B 257 12.81 -26.05 -13.90
C SER B 257 12.62 -25.63 -15.32
N LEU B 258 11.73 -24.68 -15.50
CA LEU B 258 11.44 -24.23 -16.89
C LEU B 258 12.66 -23.55 -17.52
N LEU B 259 13.40 -22.75 -16.76
CA LEU B 259 14.58 -21.99 -17.27
C LEU B 259 15.87 -22.81 -17.09
N ALA B 260 15.81 -23.94 -16.39
CA ALA B 260 16.89 -24.95 -16.42
C ALA B 260 17.02 -25.52 -17.85
N GLY B 261 18.20 -26.02 -18.21
CA GLY B 261 18.39 -26.68 -19.51
C GLY B 261 18.72 -25.72 -20.63
N THR B 262 18.54 -24.41 -20.43
CA THR B 262 18.85 -23.43 -21.49
C THR B 262 20.37 -23.29 -21.65
N ASP B 263 20.78 -22.52 -22.66
CA ASP B 263 22.20 -22.15 -22.88
C ASP B 263 22.70 -21.41 -21.64
N GLU B 264 21.88 -20.48 -21.14
CA GLU B 264 22.30 -19.44 -20.17
C GLU B 264 22.26 -20.01 -18.76
N ALA B 265 21.61 -21.17 -18.57
CA ALA B 265 21.60 -21.91 -17.29
C ALA B 265 23.00 -22.45 -17.01
N PRO B 266 23.51 -22.30 -15.77
CA PRO B 266 24.90 -22.64 -15.48
C PRO B 266 25.17 -24.15 -15.47
N GLY B 267 26.46 -24.45 -15.61
CA GLY B 267 27.01 -25.81 -15.60
C GLY B 267 26.16 -26.80 -16.34
N GLN B 268 26.01 -28.00 -15.78
CA GLN B 268 25.12 -29.01 -16.37
C GLN B 268 25.61 -29.58 -17.70
N LEU B 269 24.70 -29.76 -18.66
CA LEU B 269 25.05 -30.37 -19.96
C LEU B 269 25.39 -31.84 -19.81
N MET B 270 24.50 -32.73 -20.25
CA MET B 270 24.71 -34.19 -20.06
C MET B 270 24.14 -34.95 -21.27
N VAL B 271 24.33 -36.27 -21.32
CA VAL B 271 23.82 -37.09 -22.44
C VAL B 271 23.32 -38.40 -21.84
N ILE B 272 22.07 -38.73 -22.16
CA ILE B 272 21.37 -40.00 -21.79
C ILE B 272 20.63 -40.43 -23.06
N ASN B 273 20.94 -41.61 -23.62
CA ASN B 273 20.34 -42.10 -24.89
C ASN B 273 20.57 -41.07 -26.02
N GLY B 274 21.69 -40.34 -25.96
CA GLY B 274 22.11 -39.39 -27.00
C GLY B 274 21.40 -38.05 -26.97
N ARG B 275 20.34 -37.93 -26.22
CA ARG B 275 19.69 -36.65 -26.11
C ARG B 275 20.46 -35.80 -25.16
N LYS B 276 20.60 -34.54 -25.50
CA LYS B 276 21.29 -33.61 -24.59
C LYS B 276 20.34 -33.24 -23.45
N TYR B 277 20.93 -33.13 -22.25
CA TYR B 277 20.27 -32.70 -21.02
C TYR B 277 21.21 -31.77 -20.27
N LYS B 278 20.70 -31.20 -19.19
CA LYS B 278 21.48 -30.43 -18.21
C LYS B 278 20.96 -30.77 -16.82
N GLN B 279 21.88 -30.87 -15.86
CA GLN B 279 21.60 -31.10 -14.41
C GLN B 279 20.67 -29.98 -13.90
N TYR B 280 19.63 -30.41 -13.18
CA TYR B 280 18.73 -29.54 -12.37
C TYR B 280 18.65 -30.13 -10.94
N ARG B 281 18.78 -29.26 -9.93
CA ARG B 281 18.81 -29.72 -8.52
C ARG B 281 18.49 -28.57 -7.59
N PRO B 316 17.42 -33.53 3.76
CA PRO B 316 17.49 -32.79 2.49
C PRO B 316 16.15 -32.79 1.73
N GLU B 317 15.67 -31.62 1.30
CA GLU B 317 14.40 -31.55 0.54
C GLU B 317 14.67 -30.87 -0.78
N GLY B 318 15.46 -31.56 -1.60
CA GLY B 318 15.68 -31.26 -3.03
C GLY B 318 16.39 -32.41 -3.70
N VAL B 319 15.89 -32.87 -4.84
CA VAL B 319 16.49 -34.00 -5.58
C VAL B 319 17.41 -33.49 -6.69
N GLU B 320 18.33 -34.38 -7.10
CA GLU B 320 19.15 -34.24 -8.32
C GLU B 320 18.47 -34.97 -9.49
N GLY B 321 18.37 -34.30 -10.65
CA GLY B 321 17.86 -34.91 -11.88
C GLY B 321 18.35 -34.21 -13.13
N ALA B 322 17.67 -34.45 -14.25
CA ALA B 322 18.04 -33.95 -15.58
C ALA B 322 16.82 -33.35 -16.27
N VAL B 323 16.99 -32.18 -16.86
CA VAL B 323 16.02 -31.57 -17.81
C VAL B 323 16.64 -31.64 -19.21
N PRO B 324 15.83 -31.61 -20.29
CA PRO B 324 16.39 -31.75 -21.64
C PRO B 324 17.00 -30.43 -22.12
N TYR B 325 17.95 -30.49 -23.04
CA TYR B 325 18.62 -29.29 -23.60
C TYR B 325 17.59 -28.45 -24.37
N LYS B 326 17.45 -27.17 -24.01
CA LYS B 326 16.32 -26.31 -24.45
C LYS B 326 16.74 -25.27 -25.49
N GLY B 327 18.05 -25.06 -25.63
CA GLY B 327 18.58 -23.96 -26.46
C GLY B 327 18.60 -22.63 -25.71
N PRO B 328 18.53 -21.49 -26.43
CA PRO B 328 18.68 -20.16 -25.80
C PRO B 328 17.44 -19.71 -25.02
N VAL B 329 17.65 -19.18 -23.79
CA VAL B 329 16.58 -18.85 -22.80
C VAL B 329 15.51 -17.97 -23.44
N SER B 330 15.92 -17.09 -24.35
CA SER B 330 15.06 -16.03 -24.95
C SER B 330 13.80 -16.65 -25.55
N GLU B 331 13.97 -17.70 -26.37
CA GLU B 331 12.88 -18.34 -27.13
C GLU B 331 11.94 -19.14 -26.19
N VAL B 332 12.39 -19.50 -24.99
CA VAL B 332 11.53 -20.12 -23.94
C VAL B 332 10.58 -19.06 -23.40
N VAL B 333 11.10 -17.91 -22.98
CA VAL B 333 10.33 -16.81 -22.34
C VAL B 333 9.27 -16.29 -23.33
N PHE B 334 9.55 -16.28 -24.65
CA PHE B 334 8.57 -15.75 -25.63
C PHE B 334 7.35 -16.68 -25.68
N GLN B 335 7.53 -17.96 -25.40
CA GLN B 335 6.38 -18.89 -25.22
C GLN B 335 5.58 -18.51 -23.98
N LEU B 336 6.29 -18.33 -22.87
CA LEU B 336 5.69 -18.06 -21.55
C LEU B 336 4.91 -16.75 -21.65
N ILE B 337 5.56 -15.67 -22.06
CA ILE B 337 4.91 -14.35 -22.26
C ILE B 337 3.88 -14.48 -23.38
N GLY B 338 4.20 -15.18 -24.46
CA GLY B 338 3.25 -15.46 -25.54
C GLY B 338 1.92 -16.01 -25.03
N GLY B 339 1.96 -16.84 -23.99
CA GLY B 339 0.75 -17.47 -23.43
C GLY B 339 0.10 -16.64 -22.35
N LEU B 340 0.92 -15.92 -21.58
CA LEU B 340 0.41 -14.94 -20.60
C LEU B 340 -0.45 -13.90 -21.33
N ARG B 341 0.01 -13.41 -22.49
CA ARG B 341 -0.74 -12.42 -23.29
C ARG B 341 -2.04 -13.07 -23.80
N ALA B 342 -1.98 -14.32 -24.27
CA ALA B 342 -3.16 -15.01 -24.82
C ALA B 342 -4.22 -15.11 -23.73
N SER B 343 -3.79 -15.47 -22.53
CA SER B 343 -4.63 -15.50 -21.31
C SER B 343 -5.21 -14.12 -21.01
N MET B 344 -4.45 -13.05 -21.26
CA MET B 344 -4.88 -11.66 -20.99
C MET B 344 -5.91 -11.21 -22.04
N GLY B 345 -5.80 -11.65 -23.28
CA GLY B 345 -6.88 -11.53 -24.27
C GLY B 345 -8.18 -12.12 -23.73
N TYR B 346 -8.18 -13.42 -23.44
CA TYR B 346 -9.38 -14.20 -22.99
C TYR B 346 -10.04 -13.52 -21.80
N CYS B 347 -9.24 -13.13 -20.80
CA CYS B 347 -9.71 -12.59 -19.50
C CYS B 347 -10.05 -11.10 -19.57
N GLY B 348 -9.64 -10.39 -20.63
CA GLY B 348 -9.98 -8.96 -20.84
C GLY B 348 -9.12 -7.97 -20.06
N ALA B 349 -7.91 -8.38 -19.69
CA ALA B 349 -6.95 -7.54 -18.95
C ALA B 349 -5.96 -6.92 -19.93
N LYS B 350 -5.89 -5.58 -20.00
CA LYS B 350 -4.92 -4.89 -20.86
C LYS B 350 -3.59 -4.75 -20.10
N ASN B 351 -3.59 -5.01 -18.79
CA ASN B 351 -2.35 -5.12 -17.98
C ASN B 351 -2.55 -6.07 -16.79
N LEU B 352 -1.55 -6.20 -15.91
CA LEU B 352 -1.60 -7.24 -14.84
C LEU B 352 -2.51 -6.81 -13.68
N LYS B 353 -2.65 -5.51 -13.39
CA LYS B 353 -3.63 -5.05 -12.37
C LYS B 353 -5.03 -5.53 -12.77
N GLU B 354 -5.39 -5.21 -14.01
CA GLU B 354 -6.64 -5.66 -14.67
C GLU B 354 -6.76 -7.18 -14.54
N MET B 355 -5.67 -7.90 -14.85
CA MET B 355 -5.64 -9.38 -14.74
C MET B 355 -6.04 -9.77 -13.33
N GLN B 356 -5.36 -9.23 -12.34
CA GLN B 356 -5.64 -9.56 -10.92
C GLN B 356 -7.08 -9.15 -10.56
N GLU B 357 -7.57 -8.06 -11.15
CA GLU B 357 -8.86 -7.46 -10.76
C GLU B 357 -10.03 -8.26 -11.31
N LYS B 358 -9.94 -8.77 -12.54
CA LYS B 358 -11.13 -9.29 -13.27
C LYS B 358 -10.92 -10.71 -13.82
N ALA B 359 -9.87 -11.39 -13.39
CA ALA B 359 -9.74 -12.84 -13.63
C ALA B 359 -10.61 -13.56 -12.61
N ARG B 360 -11.03 -14.76 -12.94
CA ARG B 360 -12.22 -15.41 -12.37
C ARG B 360 -12.06 -16.90 -12.61
N PHE B 361 -12.35 -17.72 -11.59
CA PHE B 361 -11.99 -19.16 -11.60
C PHE B 361 -13.22 -20.05 -11.64
N VAL B 362 -12.94 -21.32 -11.95
CA VAL B 362 -13.93 -22.37 -12.02
C VAL B 362 -13.13 -23.60 -11.61
N ILE B 363 -13.76 -24.56 -10.96
CA ILE B 363 -13.05 -25.75 -10.42
C ILE B 363 -13.29 -27.00 -11.32
N ILE B 364 -12.21 -27.76 -11.55
CA ILE B 364 -12.07 -28.94 -12.49
C ILE B 364 -12.08 -30.26 -11.72
N THR B 365 -12.20 -31.37 -12.45
CA THR B 365 -11.85 -32.72 -11.97
C THR B 365 -10.70 -33.29 -12.83
N ILE B 378 -2.21 -40.06 -31.28
CA ILE B 378 -0.82 -39.75 -31.72
C ILE B 378 -0.73 -38.24 -31.92
N ILE B 379 0.36 -37.64 -31.46
CA ILE B 379 0.65 -36.23 -31.60
C ILE B 379 2.07 -36.13 -32.16
N THR B 380 2.26 -35.36 -33.20
CA THR B 380 3.56 -35.19 -33.94
C THR B 380 4.24 -33.85 -33.60
N ASN B 381 3.51 -32.72 -33.64
CA ASN B 381 4.07 -31.38 -33.27
C ASN B 381 3.17 -30.61 -32.29
N GLU B 382 3.72 -30.24 -31.13
CA GLU B 382 2.98 -29.49 -30.07
C GLU B 382 3.76 -28.23 -29.69
#